data_2EHU
#
_entry.id   2EHU
#
_cell.length_a   102.556
_cell.length_b   102.556
_cell.length_c   278.585
_cell.angle_alpha   90.00
_cell.angle_beta   90.00
_cell.angle_gamma   120.00
#
_symmetry.space_group_name_H-M   'H 3'
#
loop_
_entity.id
_entity.type
_entity.pdbx_description
1 polymer '1-pyrroline-5-carboxylate dehydrogenase'
2 non-polymer 'SODIUM ION'
3 non-polymer 'ACETATE ION'
4 non-polymer SERINE
5 non-polymer NICOTINAMIDE-ADENINE-DINUCLEOTIDE
6 non-polymer (4S)-2-METHYL-2,4-PENTANEDIOL
7 water water
#
_entity_poly.entity_id   1
_entity_poly.type   'polypeptide(L)'
_entity_poly.pdbx_seq_one_letter_code
;MTVEPFRNEPIETFQTEEARRAMREALRRVREEFGRHYPLYIGGEWVDTKERMVSLNPSAPSEVVGTTAKAGKAEAEAAL
EAAWKAFKTWKDWPQEDRSRLLLKAAALMRRRKRELEATLVYEVGKNWVEASADVAEAIDFIEYYARAALRYRYPAVEVV
PYPGEDNESFYVPLGAGVVIAPWNFPVAIFTGMIVGPVAVGNTVIAKPAEDAVVVGAKVFEIFHEAGFPPGVVNFLPGVG
EEVGAYLVEHPRIRFINFTGSLEVGLKIYEAAGRLAPGQTWFKRAYVETGGKDAIIVDETADFDLAAEGVVVSAYGFQGQ
KCSAASRLILTQGAYEPVLERVLKRAERLSVGPAEENPDLGPVVSAEQERKVLSYIEIGKNEGQLVLGGKRLEGEGYFIA
PTVFTEVPPKARIAQEEIFGPVLSVIRVKDFAEALEVANDTPYGLTGGVYSRKREHLEWARREFHVGNLYFNRKITGALV
GVQPFGGFKLSGTNAKTGALDYLRLFLEMKAVAERF
;
_entity_poly.pdbx_strand_id   A,B
#
# COMPACT_ATOMS: atom_id res chain seq x y z
N MET A 1 2.26 21.98 -18.97
CA MET A 1 2.76 22.93 -17.93
C MET A 1 4.29 22.96 -17.85
N THR A 2 4.90 24.13 -18.06
CA THR A 2 6.34 24.24 -17.83
C THR A 2 6.69 25.33 -16.82
N VAL A 3 7.29 24.90 -15.73
CA VAL A 3 7.68 25.79 -14.64
C VAL A 3 9.16 25.56 -14.36
N GLU A 4 9.76 26.43 -13.55
CA GLU A 4 11.16 26.27 -13.16
C GLU A 4 11.34 24.93 -12.43
N PRO A 5 12.54 24.29 -12.55
CA PRO A 5 12.83 23.13 -11.71
C PRO A 5 12.54 23.39 -10.23
N PHE A 6 12.03 22.38 -9.53
CA PHE A 6 11.79 22.51 -8.08
C PHE A 6 13.06 22.94 -7.35
N ARG A 7 12.90 23.90 -6.45
CA ARG A 7 13.93 24.25 -5.46
C ARG A 7 13.22 24.39 -4.11
N ASN A 8 13.91 24.03 -3.02
CA ASN A 8 13.32 24.25 -1.68
C ASN A 8 13.20 25.72 -1.32
N GLU A 9 12.10 26.08 -0.66
CA GLU A 9 11.88 27.44 -0.15
C GLU A 9 12.92 27.73 0.93
N PRO A 10 13.69 28.83 0.76
CA PRO A 10 14.69 29.13 1.79
C PRO A 10 14.06 29.34 3.18
N ILE A 11 14.74 28.83 4.21
CA ILE A 11 14.31 28.96 5.60
C ILE A 11 14.89 30.26 6.15
N GLU A 12 14.04 31.13 6.65
CA GLU A 12 14.49 32.42 7.15
C GLU A 12 15.20 32.27 8.50
N THR A 13 16.36 32.91 8.61
CA THR A 13 17.13 32.90 9.87
C THR A 13 16.97 34.19 10.67
N PHE A 14 16.44 35.24 10.03
CA PHE A 14 16.14 36.53 10.69
C PHE A 14 17.41 37.25 11.15
N GLN A 15 18.45 37.12 10.33
CA GLN A 15 19.72 37.79 10.62
C GLN A 15 19.80 39.21 10.04
N THR A 16 18.99 39.50 9.03
CA THR A 16 18.93 40.84 8.45
C THR A 16 17.87 41.70 9.16
N GLU A 17 18.06 43.02 9.13
CA GLU A 17 17.11 43.92 9.75
C GLU A 17 15.79 43.86 9.02
N GLU A 18 15.84 43.67 7.71
CA GLU A 18 14.61 43.60 6.92
C GLU A 18 13.74 42.43 7.39
N ALA A 19 14.38 41.29 7.64
CA ALA A 19 13.69 40.07 8.10
C ALA A 19 13.12 40.23 9.51
N ARG A 20 13.92 40.77 10.42
CA ARG A 20 13.45 41.09 11.77
C ARG A 20 12.25 42.04 11.76
N ARG A 21 12.34 43.09 10.96
CA ARG A 21 11.25 44.07 10.87
C ARG A 21 9.99 43.41 10.36
N ALA A 22 10.11 42.64 9.27
CA ALA A 22 8.96 41.94 8.71
C ALA A 22 8.34 40.99 9.75
N MET A 23 9.17 40.27 10.48
CA MET A 23 8.67 39.30 11.48
C MET A 23 8.00 40.00 12.69
N ARG A 24 8.63 41.07 13.17
CA ARG A 24 8.03 41.87 14.25
C ARG A 24 6.64 42.38 13.86
N GLU A 25 6.49 42.91 12.65
CA GLU A 25 5.18 43.37 12.22
C GLU A 25 4.16 42.21 12.12
N ALA A 26 4.60 41.05 11.61
CA ALA A 26 3.71 39.88 11.47
C ALA A 26 3.24 39.39 12.84
N LEU A 27 4.17 39.31 13.78
CA LEU A 27 3.85 38.92 15.16
C LEU A 27 2.87 39.89 15.82
N ARG A 28 3.15 41.19 15.67
CA ARG A 28 2.25 42.23 16.16
C ARG A 28 0.83 42.07 15.61
N ARG A 29 0.71 41.85 14.31
CA ARG A 29 -0.63 41.75 13.72
C ARG A 29 -1.36 40.48 14.13
N VAL A 30 -0.63 39.38 14.25
CA VAL A 30 -1.25 38.15 14.74
C VAL A 30 -1.71 38.30 16.19
N ARG A 31 -0.85 38.88 17.03
CA ARG A 31 -1.18 39.12 18.44
C ARG A 31 -2.41 40.03 18.57
N GLU A 32 -2.47 41.05 17.73
CA GLU A 32 -3.60 42.01 17.72
C GLU A 32 -4.90 41.32 17.30
N GLU A 33 -4.76 40.18 16.63
CA GLU A 33 -5.87 39.41 16.12
C GLU A 33 -6.32 38.27 17.04
N PHE A 34 -5.66 38.11 18.20
CA PHE A 34 -6.06 37.08 19.18
C PHE A 34 -7.56 37.14 19.46
N GLY A 35 -8.19 35.98 19.52
CA GLY A 35 -9.60 35.88 19.84
C GLY A 35 -10.49 35.73 18.63
N ARG A 36 -9.90 35.82 17.44
CA ARG A 36 -10.65 35.62 16.20
C ARG A 36 -11.32 34.24 16.14
N HIS A 37 -12.51 34.17 15.54
CA HIS A 37 -13.23 32.90 15.37
C HIS A 37 -13.23 32.45 13.91
N TYR A 38 -12.90 31.18 13.67
CA TYR A 38 -12.86 30.62 12.32
C TYR A 38 -13.86 29.46 12.21
N PRO A 39 -14.80 29.54 11.27
CA PRO A 39 -15.78 28.46 11.07
C PRO A 39 -15.17 27.20 10.41
N LEU A 40 -15.99 26.16 10.25
CA LEU A 40 -15.64 25.02 9.41
C LEU A 40 -15.61 25.48 7.96
N TYR A 41 -15.02 24.68 7.07
CA TYR A 41 -15.12 24.95 5.65
C TYR A 41 -15.60 23.68 5.00
N ILE A 42 -16.81 23.74 4.45
CA ILE A 42 -17.45 22.57 3.85
C ILE A 42 -18.10 23.02 2.54
N GLY A 43 -17.83 22.27 1.48
CA GLY A 43 -18.44 22.55 0.17
C GLY A 43 -18.26 23.98 -0.29
N GLY A 44 -17.06 24.52 -0.08
CA GLY A 44 -16.70 25.84 -0.58
C GLY A 44 -17.22 27.04 0.22
N GLU A 45 -17.83 26.77 1.36
CA GLU A 45 -18.29 27.86 2.23
C GLU A 45 -17.89 27.68 3.69
N TRP A 46 -17.71 28.81 4.38
CA TRP A 46 -17.43 28.78 5.81
C TRP A 46 -18.75 28.53 6.55
N VAL A 47 -18.74 27.54 7.43
CA VAL A 47 -19.96 27.06 8.10
C VAL A 47 -19.72 27.06 9.60
N ASP A 48 -20.49 27.85 10.34
CA ASP A 48 -20.28 27.91 11.79
C ASP A 48 -21.10 26.85 12.54
N THR A 49 -20.74 26.63 13.80
CA THR A 49 -21.43 25.72 14.71
C THR A 49 -21.68 26.41 16.05
N LYS A 50 -22.56 25.82 16.87
CA LYS A 50 -22.82 26.30 18.23
C LYS A 50 -21.61 26.00 19.14
N GLU A 51 -21.12 24.77 19.11
CA GLU A 51 -19.95 24.39 19.90
C GLU A 51 -18.67 24.96 19.27
N ARG A 52 -17.61 25.05 20.06
CA ARG A 52 -16.37 25.60 19.56
C ARG A 52 -15.14 24.85 20.05
N MET A 53 -14.04 25.05 19.36
CA MET A 53 -12.73 24.57 19.78
C MET A 53 -11.94 25.80 20.21
N VAL A 54 -11.28 25.72 21.37
CA VAL A 54 -10.50 26.84 21.88
C VAL A 54 -8.99 26.54 21.74
N SER A 55 -8.25 27.52 21.23
CA SER A 55 -6.82 27.35 21.03
C SER A 55 -6.04 28.35 21.88
N LEU A 56 -5.26 27.83 22.82
CA LEU A 56 -4.52 28.66 23.79
C LEU A 56 -3.11 28.93 23.32
N ASN A 57 -2.53 30.01 23.84
CA ASN A 57 -1.10 30.29 23.68
C ASN A 57 -0.31 29.51 24.74
N PRO A 58 0.49 28.50 24.33
CA PRO A 58 1.23 27.70 25.32
C PRO A 58 2.31 28.49 26.09
N SER A 59 2.72 29.66 25.58
CA SER A 59 3.66 30.54 26.27
C SER A 59 2.97 31.35 27.37
N ALA A 60 1.64 31.42 27.31
CA ALA A 60 0.79 32.24 28.22
C ALA A 60 -0.64 31.72 28.07
N PRO A 61 -0.94 30.54 28.65
CA PRO A 61 -2.18 29.85 28.30
C PRO A 61 -3.46 30.49 28.83
N SER A 62 -3.36 31.59 29.59
CA SER A 62 -4.55 32.42 29.85
C SER A 62 -5.00 33.18 28.60
N GLU A 63 -4.11 33.24 27.59
CA GLU A 63 -4.41 33.93 26.34
C GLU A 63 -5.00 33.00 25.27
N VAL A 64 -6.14 33.41 24.72
CA VAL A 64 -6.80 32.64 23.66
C VAL A 64 -6.34 33.17 22.29
N VAL A 65 -5.59 32.34 21.56
CA VAL A 65 -5.13 32.71 20.22
C VAL A 65 -6.33 32.85 19.30
N GLY A 66 -7.26 31.91 19.42
CA GLY A 66 -8.46 31.93 18.59
C GLY A 66 -9.37 30.78 18.95
N THR A 67 -10.55 30.79 18.35
CA THR A 67 -11.47 29.67 18.46
C THR A 67 -11.88 29.24 17.05
N THR A 68 -12.30 28.00 16.92
CA THR A 68 -12.93 27.55 15.70
C THR A 68 -14.30 26.92 16.00
N ALA A 69 -15.08 26.74 14.95
CA ALA A 69 -16.24 25.86 15.04
C ALA A 69 -15.78 24.43 15.37
N LYS A 70 -16.74 23.57 15.70
CA LYS A 70 -16.45 22.20 16.11
C LYS A 70 -17.32 21.23 15.31
N ALA A 71 -16.67 20.34 14.56
CA ALA A 71 -17.38 19.37 13.72
C ALA A 71 -17.75 18.13 14.53
N GLY A 72 -19.02 17.75 14.43
CA GLY A 72 -19.51 16.49 14.95
C GLY A 72 -19.96 15.63 13.80
N LYS A 73 -20.78 14.61 14.08
CA LYS A 73 -21.23 13.68 13.04
C LYS A 73 -21.98 14.33 11.88
N ALA A 74 -22.84 15.31 12.18
CA ALA A 74 -23.65 15.93 11.12
C ALA A 74 -22.73 16.67 10.14
N GLU A 75 -21.73 17.38 10.69
CA GLU A 75 -20.79 18.12 9.87
C GLU A 75 -19.90 17.18 9.07
N ALA A 76 -19.53 16.05 9.68
CA ALA A 76 -18.76 14.99 8.97
C ALA A 76 -19.59 14.48 7.79
N GLU A 77 -20.89 14.24 8.02
CA GLU A 77 -21.78 13.78 6.95
C GLU A 77 -21.91 14.82 5.83
N ALA A 78 -22.05 16.09 6.20
CA ALA A 78 -22.15 17.17 5.22
C ALA A 78 -20.86 17.24 4.37
N ALA A 79 -19.72 17.08 5.04
CA ALA A 79 -18.42 17.10 4.37
C ALA A 79 -18.25 15.91 3.43
N LEU A 80 -18.70 14.74 3.87
CA LEU A 80 -18.66 13.54 3.01
C LEU A 80 -19.47 13.74 1.72
N GLU A 81 -20.68 14.26 1.89
CA GLU A 81 -21.52 14.53 0.73
C GLU A 81 -20.86 15.53 -0.22
N ALA A 82 -20.27 16.59 0.33
CA ALA A 82 -19.60 17.62 -0.48
C ALA A 82 -18.38 17.05 -1.21
N ALA A 83 -17.60 16.25 -0.48
CA ALA A 83 -16.36 15.69 -1.04
C ALA A 83 -16.63 14.67 -2.13
N TRP A 84 -17.63 13.82 -1.94
CA TRP A 84 -17.95 12.84 -2.98
C TRP A 84 -18.56 13.49 -4.22
N LYS A 85 -19.40 14.50 -4.01
CA LYS A 85 -19.99 15.23 -5.13
C LYS A 85 -18.87 15.90 -5.92
N ALA A 86 -17.90 16.48 -5.22
CA ALA A 86 -16.81 17.22 -5.88
C ALA A 86 -15.92 16.25 -6.63
N PHE A 87 -15.73 15.07 -6.05
CA PHE A 87 -14.83 14.07 -6.65
C PHE A 87 -15.28 13.74 -8.07
N LYS A 88 -16.60 13.64 -8.27
CA LYS A 88 -17.15 13.26 -9.58
C LYS A 88 -16.62 14.11 -10.73
N THR A 89 -16.39 15.40 -10.49
CA THR A 89 -15.86 16.29 -11.52
C THR A 89 -14.38 16.64 -11.34
N TRP A 90 -13.91 16.75 -10.10
CA TRP A 90 -12.50 17.06 -9.83
C TRP A 90 -11.56 15.98 -10.40
N LYS A 91 -11.98 14.72 -10.34
CA LYS A 91 -11.18 13.62 -10.88
C LYS A 91 -10.96 13.75 -12.40
N ASP A 92 -11.85 14.49 -13.07
CA ASP A 92 -11.81 14.66 -14.53
C ASP A 92 -11.06 15.92 -15.00
N TRP A 93 -10.68 16.78 -14.06
CA TRP A 93 -9.79 17.90 -14.42
C TRP A 93 -8.50 17.36 -15.06
N PRO A 94 -8.02 17.99 -16.15
CA PRO A 94 -6.69 17.64 -16.66
C PRO A 94 -5.69 17.82 -15.51
N GLN A 95 -4.70 16.95 -15.44
CA GLN A 95 -3.66 17.11 -14.41
C GLN A 95 -3.00 18.49 -14.42
N GLU A 96 -2.75 19.04 -15.62
CA GLU A 96 -2.15 20.36 -15.71
C GLU A 96 -2.97 21.43 -14.97
N ASP A 97 -4.31 21.32 -15.07
CA ASP A 97 -5.21 22.27 -14.41
C ASP A 97 -5.13 22.13 -12.89
N ARG A 98 -5.12 20.88 -12.39
CA ARG A 98 -5.01 20.65 -10.95
C ARG A 98 -3.65 21.12 -10.45
N SER A 99 -2.60 20.81 -11.19
CA SER A 99 -1.26 21.26 -10.78
C SER A 99 -1.14 22.79 -10.73
N ARG A 100 -1.72 23.47 -11.72
CA ARG A 100 -1.72 24.95 -11.69
C ARG A 100 -2.44 25.50 -10.45
N LEU A 101 -3.51 24.82 -10.03
CA LEU A 101 -4.24 25.24 -8.82
C LEU A 101 -3.34 25.14 -7.59
N LEU A 102 -2.58 24.04 -7.49
CA LEU A 102 -1.60 23.90 -6.41
C LEU A 102 -0.56 25.02 -6.46
N LEU A 103 -0.02 25.30 -7.64
CA LEU A 103 1.00 26.35 -7.79
C LEU A 103 0.46 27.72 -7.36
N LYS A 104 -0.82 27.97 -7.64
CA LYS A 104 -1.46 29.21 -7.18
C LYS A 104 -1.51 29.21 -5.64
N ALA A 105 -1.96 28.11 -5.04
CA ALA A 105 -1.98 27.99 -3.59
C ALA A 105 -0.58 28.23 -2.98
N ALA A 106 0.45 27.64 -3.58
CA ALA A 106 1.82 27.88 -3.12
C ALA A 106 2.20 29.37 -3.17
N ALA A 107 1.84 30.05 -4.26
CA ALA A 107 2.17 31.49 -4.40
C ALA A 107 1.48 32.31 -3.32
N LEU A 108 0.23 31.97 -3.02
CA LEU A 108 -0.54 32.65 -1.98
C LEU A 108 0.03 32.38 -0.59
N MET A 109 0.45 31.15 -0.34
CA MET A 109 1.05 30.81 0.96
C MET A 109 2.38 31.54 1.14
N ARG A 110 3.18 31.63 0.06
CA ARG A 110 4.46 32.31 0.13
C ARG A 110 4.25 33.79 0.48
N ARG A 111 3.22 34.40 -0.09
CA ARG A 111 2.93 35.82 0.18
C ARG A 111 2.45 36.07 1.62
N ARG A 112 1.96 35.03 2.27
CA ARG A 112 1.51 35.12 3.65
C ARG A 112 2.46 34.43 4.60
N LYS A 113 3.69 34.14 4.16
CA LYS A 113 4.54 33.34 5.03
C LYS A 113 4.84 33.93 6.43
N ARG A 114 5.11 35.24 6.54
CA ARG A 114 5.40 35.80 7.87
C ARG A 114 4.21 35.66 8.82
N GLU A 115 3.01 35.92 8.31
CA GLU A 115 1.80 35.78 9.11
C GLU A 115 1.63 34.33 9.62
N LEU A 116 1.84 33.36 8.71
CA LEU A 116 1.71 31.96 9.10
C LEU A 116 2.78 31.57 10.12
N GLU A 117 4.01 32.04 9.93
CA GLU A 117 5.07 31.80 10.91
C GLU A 117 4.69 32.39 12.27
N ALA A 118 4.24 33.64 12.27
CA ALA A 118 3.80 34.30 13.51
C ALA A 118 2.67 33.52 14.19
N THR A 119 1.76 32.97 13.40
CA THR A 119 0.65 32.16 13.95
C THR A 119 1.19 30.90 14.66
N LEU A 120 2.20 30.26 14.06
CA LEU A 120 2.82 29.09 14.70
C LEU A 120 3.53 29.45 16.00
N VAL A 121 4.21 30.59 16.01
CA VAL A 121 4.89 31.08 17.21
C VAL A 121 3.89 31.14 18.38
N TYR A 122 2.75 31.80 18.14
CA TYR A 122 1.75 31.97 19.19
C TYR A 122 0.92 30.72 19.47
N GLU A 123 0.54 30.00 18.42
CA GLU A 123 -0.40 28.90 18.63
C GLU A 123 0.27 27.62 19.13
N VAL A 124 1.48 27.32 18.66
CA VAL A 124 2.13 26.05 19.09
C VAL A 124 3.52 26.25 19.74
N GLY A 125 3.90 27.50 19.97
CA GLY A 125 5.11 27.82 20.72
C GLY A 125 6.42 27.51 19.99
N LYS A 126 6.41 27.63 18.66
CA LYS A 126 7.68 27.56 17.90
C LYS A 126 8.45 28.86 18.03
N ASN A 127 9.77 28.77 18.19
CA ASN A 127 10.58 29.96 17.98
C ASN A 127 10.56 30.37 16.50
N TRP A 128 11.25 31.45 16.16
CA TRP A 128 11.06 32.05 14.84
C TRP A 128 11.56 31.14 13.72
N VAL A 129 12.73 30.54 13.90
CA VAL A 129 13.31 29.70 12.84
C VAL A 129 12.57 28.37 12.69
N GLU A 130 12.15 27.79 13.80
CA GLU A 130 11.29 26.58 13.73
C GLU A 130 10.00 26.90 12.97
N ALA A 131 9.40 28.06 13.25
CA ALA A 131 8.20 28.47 12.53
C ALA A 131 8.48 28.64 11.03
N SER A 132 9.59 29.32 10.71
CA SER A 132 9.93 29.50 9.30
C SER A 132 10.17 28.16 8.58
N ALA A 133 10.81 27.22 9.24
CA ALA A 133 11.07 25.90 8.60
C ALA A 133 9.76 25.18 8.27
N ASP A 134 8.80 25.27 9.20
CA ASP A 134 7.47 24.64 9.06
C ASP A 134 6.74 25.20 7.85
N VAL A 135 6.61 26.51 7.78
CA VAL A 135 5.93 27.13 6.65
C VAL A 135 6.66 26.87 5.31
N ALA A 136 8.00 26.91 5.32
CA ALA A 136 8.77 26.65 4.10
C ALA A 136 8.53 25.22 3.59
N GLU A 137 8.46 24.27 4.52
CA GLU A 137 8.18 22.88 4.20
C GLU A 137 6.78 22.72 3.58
N ALA A 138 5.79 23.42 4.12
CA ALA A 138 4.43 23.42 3.56
C ALA A 138 4.46 23.90 2.11
N ILE A 139 5.16 24.99 1.85
CA ILE A 139 5.26 25.54 0.50
C ILE A 139 5.95 24.52 -0.42
N ASP A 140 7.00 23.89 0.11
CA ASP A 140 7.73 22.84 -0.63
C ASP A 140 6.81 21.69 -1.02
N PHE A 141 5.95 21.23 -0.10
CA PHE A 141 5.03 20.14 -0.42
C PHE A 141 4.14 20.51 -1.61
N ILE A 142 3.61 21.73 -1.59
CA ILE A 142 2.69 22.15 -2.67
C ILE A 142 3.47 22.21 -3.99
N GLU A 143 4.63 22.88 -3.98
CA GLU A 143 5.46 23.00 -5.18
C GLU A 143 5.89 21.63 -5.70
N TYR A 144 6.32 20.77 -4.79
CA TYR A 144 6.82 19.45 -5.17
C TYR A 144 5.69 18.57 -5.71
N TYR A 145 4.58 18.45 -4.97
CA TYR A 145 3.51 17.58 -5.43
C TYR A 145 2.85 18.07 -6.73
N ALA A 146 2.77 19.39 -6.93
CA ALA A 146 2.24 19.94 -8.17
C ALA A 146 3.00 19.39 -9.37
N ARG A 147 4.33 19.32 -9.25
CA ARG A 147 5.20 18.84 -10.31
C ARG A 147 5.19 17.30 -10.40
N ALA A 148 5.24 16.64 -9.26
CA ALA A 148 5.28 15.17 -9.23
C ALA A 148 4.03 14.57 -9.83
N ALA A 149 2.88 15.22 -9.59
CA ALA A 149 1.60 14.71 -10.11
C ALA A 149 1.61 14.60 -11.63
N LEU A 150 2.36 15.46 -12.30
CA LEU A 150 2.43 15.41 -13.77
C LEU A 150 3.06 14.13 -14.26
N ARG A 151 3.92 13.52 -13.43
CA ARG A 151 4.59 12.27 -13.80
C ARG A 151 3.63 11.08 -13.87
N TYR A 152 2.43 11.25 -13.31
CA TYR A 152 1.43 10.20 -13.31
C TYR A 152 0.30 10.41 -14.34
N ARG A 153 0.42 11.45 -15.17
CA ARG A 153 -0.70 11.85 -16.04
C ARG A 153 -1.01 10.86 -17.18
N TYR A 154 -2.27 10.87 -17.62
CA TYR A 154 -2.82 9.94 -18.62
C TYR A 154 -2.04 9.89 -19.93
N PRO A 155 -1.74 8.66 -20.45
CA PRO A 155 -1.74 7.36 -19.76
C PRO A 155 -0.29 7.00 -19.35
N ALA A 156 -0.03 6.88 -18.04
CA ALA A 156 1.36 6.93 -17.57
C ALA A 156 2.10 5.57 -17.52
N VAL A 157 1.37 4.48 -17.66
CA VAL A 157 1.94 3.16 -17.35
C VAL A 157 2.65 2.54 -18.54
N GLU A 158 3.85 2.04 -18.27
CA GLU A 158 4.64 1.36 -19.30
C GLU A 158 4.17 -0.09 -19.44
N VAL A 159 3.61 -0.44 -20.59
CA VAL A 159 3.12 -1.79 -20.83
C VAL A 159 3.72 -2.40 -22.09
N VAL A 160 3.62 -3.72 -22.21
CA VAL A 160 4.13 -4.48 -23.33
C VAL A 160 3.03 -4.51 -24.41
N PRO A 161 3.38 -4.12 -25.65
CA PRO A 161 2.40 -4.18 -26.73
C PRO A 161 2.00 -5.58 -27.17
N TYR A 162 0.86 -5.67 -27.83
CA TYR A 162 0.31 -6.93 -28.32
C TYR A 162 -0.25 -6.69 -29.71
N PRO A 163 0.00 -7.63 -30.64
CA PRO A 163 -0.49 -7.47 -32.01
C PRO A 163 -1.99 -7.26 -32.11
N GLY A 164 -2.39 -6.28 -32.92
CA GLY A 164 -3.80 -6.08 -33.27
C GLY A 164 -4.60 -5.38 -32.19
N GLU A 165 -3.90 -4.85 -31.17
CA GLU A 165 -4.59 -4.26 -30.01
C GLU A 165 -3.91 -2.99 -29.57
N ASP A 166 -4.71 -2.08 -29.02
CA ASP A 166 -4.18 -1.02 -28.17
C ASP A 166 -4.32 -1.45 -26.73
N ASN A 167 -3.24 -1.35 -25.97
CA ASN A 167 -3.32 -1.64 -24.55
C ASN A 167 -2.90 -0.42 -23.77
N GLU A 168 -3.81 0.10 -22.96
CA GLU A 168 -3.57 1.38 -22.31
C GLU A 168 -3.83 1.28 -20.83
N SER A 169 -2.80 1.48 -20.02
CA SER A 169 -2.97 1.47 -18.58
C SER A 169 -2.73 2.88 -18.02
N PHE A 170 -3.53 3.27 -17.05
CA PHE A 170 -3.49 4.64 -16.56
C PHE A 170 -3.97 4.72 -15.11
N TYR A 171 -3.57 5.78 -14.42
CA TYR A 171 -3.94 5.94 -13.03
C TYR A 171 -5.19 6.79 -12.89
N VAL A 172 -6.00 6.43 -11.90
CA VAL A 172 -7.15 7.24 -11.50
C VAL A 172 -7.15 7.46 -9.98
N PRO A 173 -7.65 8.61 -9.51
CA PRO A 173 -7.71 8.83 -8.07
C PRO A 173 -8.75 7.91 -7.41
N LEU A 174 -8.64 7.77 -6.09
CA LEU A 174 -9.47 6.83 -5.31
C LEU A 174 -10.84 7.36 -4.96
N GLY A 175 -10.92 8.61 -4.50
CA GLY A 175 -12.22 9.14 -4.05
C GLY A 175 -12.03 10.16 -2.96
N ALA A 176 -12.98 10.21 -2.03
CA ALA A 176 -12.93 11.12 -0.90
C ALA A 176 -12.31 10.39 0.29
N GLY A 177 -11.34 11.03 0.93
CA GLY A 177 -10.70 10.45 2.10
C GLY A 177 -10.56 11.46 3.22
N VAL A 178 -10.06 10.99 4.36
CA VAL A 178 -9.90 11.84 5.52
C VAL A 178 -8.40 12.00 5.84
N VAL A 179 -8.01 13.24 6.11
CA VAL A 179 -6.66 13.57 6.56
C VAL A 179 -6.75 13.93 8.05
N ILE A 180 -5.93 13.28 8.86
CA ILE A 180 -5.93 13.52 10.31
C ILE A 180 -4.50 13.87 10.71
N ALA A 181 -4.34 15.07 11.25
CA ALA A 181 -3.02 15.70 11.32
C ALA A 181 -2.58 16.00 12.75
N PRO A 182 -1.25 16.08 12.98
CA PRO A 182 -0.70 16.40 14.29
C PRO A 182 -0.54 17.90 14.55
N TRP A 183 -0.34 18.25 15.83
CA TRP A 183 -0.10 19.65 16.21
C TRP A 183 1.32 20.14 16.02
N ASN A 184 2.29 19.24 15.85
CA ASN A 184 3.69 19.67 15.87
C ASN A 184 4.25 20.31 14.58
N PHE A 185 3.71 19.93 13.42
CA PHE A 185 3.96 20.62 12.16
C PHE A 185 2.61 20.92 11.50
N PRO A 186 1.84 21.84 12.13
CA PRO A 186 0.46 22.02 11.76
C PRO A 186 0.22 22.86 10.51
N VAL A 187 1.31 23.38 9.90
CA VAL A 187 1.21 23.94 8.55
C VAL A 187 1.81 22.94 7.56
N ALA A 188 3.06 22.53 7.77
CA ALA A 188 3.75 21.62 6.82
C ALA A 188 3.02 20.29 6.62
N ILE A 189 2.82 19.53 7.69
CA ILE A 189 2.29 18.16 7.53
C ILE A 189 0.80 18.20 7.17
N PHE A 190 0.07 19.13 7.78
CA PHE A 190 -1.34 19.38 7.44
C PHE A 190 -1.47 19.66 5.94
N THR A 191 -0.64 20.57 5.42
CA THR A 191 -0.68 20.93 3.99
C THR A 191 -0.28 19.75 3.10
N GLY A 192 0.81 19.08 3.43
CA GLY A 192 1.33 18.00 2.61
C GLY A 192 0.32 16.87 2.48
N MET A 193 -0.25 16.45 3.61
CA MET A 193 -1.18 15.33 3.60
C MET A 193 -2.49 15.63 2.83
N ILE A 194 -2.84 16.91 2.76
CA ILE A 194 -4.03 17.31 1.99
C ILE A 194 -3.70 17.42 0.49
N VAL A 195 -2.68 18.21 0.16
CA VAL A 195 -2.47 18.56 -1.25
C VAL A 195 -1.94 17.42 -2.12
N GLY A 196 -1.21 16.48 -1.52
CA GLY A 196 -0.74 15.30 -2.28
C GLY A 196 -1.91 14.53 -2.91
N PRO A 197 -2.81 13.99 -2.06
CA PRO A 197 -4.00 13.32 -2.59
C PRO A 197 -4.81 14.19 -3.54
N VAL A 198 -5.02 15.45 -3.17
CA VAL A 198 -5.85 16.35 -3.98
C VAL A 198 -5.24 16.61 -5.36
N ALA A 199 -3.91 16.72 -5.42
CA ALA A 199 -3.21 17.02 -6.67
C ALA A 199 -3.60 16.03 -7.78
N VAL A 200 -3.69 14.75 -7.42
CA VAL A 200 -3.96 13.69 -8.41
C VAL A 200 -5.44 13.34 -8.57
N GLY A 201 -6.31 14.13 -7.95
CA GLY A 201 -7.75 14.06 -8.23
C GLY A 201 -8.63 13.51 -7.12
N ASN A 202 -8.04 13.22 -5.96
CA ASN A 202 -8.85 12.89 -4.79
C ASN A 202 -9.45 14.13 -4.17
N THR A 203 -10.44 13.92 -3.29
CA THR A 203 -10.98 14.99 -2.46
C THR A 203 -10.74 14.63 -0.99
N VAL A 204 -10.70 15.65 -0.14
CA VAL A 204 -10.21 15.47 1.24
C VAL A 204 -11.07 16.18 2.27
N ILE A 205 -11.25 15.50 3.41
CA ILE A 205 -11.84 16.06 4.62
C ILE A 205 -10.68 16.09 5.61
N ALA A 206 -10.30 17.31 6.01
CA ALA A 206 -9.10 17.51 6.83
C ALA A 206 -9.47 17.78 8.28
N LYS A 207 -8.87 17.02 9.18
CA LYS A 207 -9.13 17.14 10.62
C LYS A 207 -7.82 17.61 11.30
N PRO A 208 -7.69 18.94 11.55
CA PRO A 208 -6.48 19.47 12.21
C PRO A 208 -6.43 19.02 13.67
N ALA A 209 -5.23 18.94 14.23
CA ALA A 209 -5.08 18.64 15.65
C ALA A 209 -5.72 19.77 16.48
N GLU A 210 -6.32 19.38 17.60
CA GLU A 210 -6.97 20.31 18.53
C GLU A 210 -6.14 21.55 18.91
N ASP A 211 -4.85 21.34 19.18
CA ASP A 211 -3.95 22.41 19.61
C ASP A 211 -3.50 23.35 18.47
N ALA A 212 -3.88 23.04 17.24
CA ALA A 212 -3.41 23.80 16.07
C ALA A 212 -4.52 24.16 15.09
N VAL A 213 -5.73 24.36 15.61
CA VAL A 213 -6.90 24.59 14.77
C VAL A 213 -6.86 25.95 14.04
N VAL A 214 -6.27 26.98 14.65
CA VAL A 214 -6.29 28.33 14.06
C VAL A 214 -5.41 28.37 12.81
N VAL A 215 -4.20 27.84 12.94
CA VAL A 215 -3.31 27.86 11.79
C VAL A 215 -3.84 26.96 10.66
N GLY A 216 -4.52 25.87 11.01
CA GLY A 216 -5.23 25.06 10.02
C GLY A 216 -6.28 25.86 9.28
N ALA A 217 -7.03 26.69 10.00
CA ALA A 217 -7.99 27.57 9.36
C ALA A 217 -7.32 28.53 8.38
N LYS A 218 -6.16 29.06 8.73
CA LYS A 218 -5.48 30.01 7.85
C LYS A 218 -5.00 29.33 6.57
N VAL A 219 -4.60 28.05 6.68
CA VAL A 219 -4.28 27.27 5.49
C VAL A 219 -5.54 27.16 4.59
N PHE A 220 -6.70 26.95 5.20
CA PHE A 220 -7.93 26.90 4.42
C PHE A 220 -8.34 28.23 3.79
N GLU A 221 -7.99 29.34 4.43
CA GLU A 221 -8.18 30.65 3.80
C GLU A 221 -7.41 30.71 2.49
N ILE A 222 -6.18 30.20 2.52
CA ILE A 222 -5.38 30.10 1.30
C ILE A 222 -6.02 29.20 0.23
N PHE A 223 -6.51 28.03 0.63
CA PHE A 223 -7.16 27.11 -0.31
C PHE A 223 -8.38 27.78 -0.95
N HIS A 224 -9.16 28.48 -0.13
CA HIS A 224 -10.35 29.16 -0.63
C HIS A 224 -10.00 30.25 -1.65
N GLU A 225 -9.03 31.11 -1.29
CA GLU A 225 -8.56 32.18 -2.19
C GLU A 225 -7.99 31.62 -3.49
N ALA A 226 -7.30 30.48 -3.41
CA ALA A 226 -6.73 29.84 -4.59
C ALA A 226 -7.82 29.38 -5.56
N GLY A 227 -8.98 29.04 -5.01
CA GLY A 227 -10.14 28.66 -5.81
C GLY A 227 -10.34 27.17 -6.00
N PHE A 228 -9.93 26.33 -5.05
CA PHE A 228 -10.32 24.91 -5.18
C PHE A 228 -11.84 24.82 -5.29
N PRO A 229 -12.37 23.99 -6.23
CA PRO A 229 -13.84 23.90 -6.34
C PRO A 229 -14.50 23.42 -5.06
N PRO A 230 -15.77 23.82 -4.85
CA PRO A 230 -16.47 23.44 -3.63
C PRO A 230 -16.43 21.94 -3.41
N GLY A 231 -16.09 21.53 -2.19
CA GLY A 231 -16.07 20.12 -1.82
C GLY A 231 -14.71 19.43 -1.99
N VAL A 232 -13.79 20.04 -2.75
CA VAL A 232 -12.49 19.38 -3.02
C VAL A 232 -11.64 19.28 -1.74
N VAL A 233 -11.63 20.35 -0.95
CA VAL A 233 -11.00 20.36 0.37
C VAL A 233 -11.98 20.89 1.42
N ASN A 234 -12.09 20.18 2.54
CA ASN A 234 -12.99 20.54 3.64
C ASN A 234 -12.26 20.52 4.97
N PHE A 235 -12.62 21.46 5.86
CA PHE A 235 -11.89 21.74 7.10
C PHE A 235 -12.80 21.44 8.29
N LEU A 236 -12.48 20.38 9.04
CA LEU A 236 -13.29 19.92 10.18
C LEU A 236 -12.48 19.85 11.47
N PRO A 237 -12.16 21.01 12.05
CA PRO A 237 -11.61 20.97 13.40
C PRO A 237 -12.61 20.32 14.34
N GLY A 238 -12.11 19.54 15.28
CA GLY A 238 -12.96 18.74 16.17
C GLY A 238 -12.11 17.78 16.97
N VAL A 239 -12.78 16.95 17.77
CA VAL A 239 -12.10 16.03 18.68
C VAL A 239 -11.72 14.77 17.92
N GLY A 240 -10.44 14.42 17.97
CA GLY A 240 -9.94 13.28 17.20
C GLY A 240 -10.67 11.99 17.48
N GLU A 241 -10.85 11.69 18.77
CA GLU A 241 -11.50 10.46 19.20
C GLU A 241 -13.00 10.47 18.91
N GLU A 242 -13.53 11.61 18.49
CA GLU A 242 -14.94 11.72 18.13
C GLU A 242 -15.13 11.81 16.63
N VAL A 243 -14.99 13.00 16.05
CA VAL A 243 -15.17 13.16 14.61
C VAL A 243 -14.08 12.45 13.77
N GLY A 244 -12.85 12.44 14.26
CA GLY A 244 -11.74 11.73 13.58
C GLY A 244 -12.06 10.23 13.48
N ALA A 245 -12.35 9.61 14.62
CA ALA A 245 -12.71 8.18 14.64
C ALA A 245 -13.94 7.88 13.78
N TYR A 246 -14.93 8.77 13.83
CA TYR A 246 -16.16 8.59 13.03
C TYR A 246 -15.83 8.45 11.53
N LEU A 247 -14.99 9.34 11.04
CA LEU A 247 -14.55 9.30 9.63
C LEU A 247 -13.70 8.07 9.30
N VAL A 248 -12.74 7.76 10.17
CA VAL A 248 -11.91 6.55 10.00
C VAL A 248 -12.77 5.28 9.83
N GLU A 249 -13.82 5.18 10.65
CA GLU A 249 -14.67 4.00 10.70
C GLU A 249 -15.79 3.98 9.65
N HIS A 250 -15.97 5.09 8.93
CA HIS A 250 -17.11 5.28 8.04
C HIS A 250 -17.04 4.40 6.79
N PRO A 251 -18.16 3.75 6.40
CA PRO A 251 -18.12 2.90 5.19
C PRO A 251 -17.84 3.68 3.90
N ARG A 252 -18.04 5.01 3.92
CA ARG A 252 -17.88 5.82 2.71
C ARG A 252 -16.57 6.64 2.64
N ILE A 253 -15.66 6.41 3.58
CA ILE A 253 -14.33 7.01 3.52
C ILE A 253 -13.42 6.05 2.76
N ARG A 254 -12.77 6.55 1.70
CA ARG A 254 -12.01 5.67 0.80
C ARG A 254 -10.58 5.41 1.27
N PHE A 255 -9.98 6.42 1.86
CA PHE A 255 -8.62 6.34 2.38
C PHE A 255 -8.47 7.22 3.59
N ILE A 256 -7.46 6.90 4.39
CA ILE A 256 -7.11 7.67 5.59
C ILE A 256 -5.63 8.01 5.51
N ASN A 257 -5.32 9.31 5.62
CA ASN A 257 -3.95 9.78 5.65
C ASN A 257 -3.73 10.34 7.06
N PHE A 258 -2.95 9.63 7.86
CA PHE A 258 -2.77 9.96 9.28
C PHE A 258 -1.32 10.19 9.61
N THR A 259 -1.05 11.25 10.38
CA THR A 259 0.26 11.41 10.99
C THR A 259 0.02 11.75 12.45
N GLY A 260 0.66 11.02 13.35
CA GLY A 260 0.43 11.25 14.78
C GLY A 260 1.05 10.16 15.61
N SER A 261 0.54 9.98 16.83
CA SER A 261 1.12 9.03 17.78
C SER A 261 0.90 7.60 17.35
N LEU A 262 1.83 6.74 17.74
CA LEU A 262 1.68 5.29 17.57
C LEU A 262 0.36 4.77 18.17
N GLU A 263 0.01 5.23 19.37
CA GLU A 263 -1.22 4.76 20.03
C GLU A 263 -2.46 4.91 19.12
N VAL A 264 -2.61 6.10 18.55
CA VAL A 264 -3.71 6.41 17.66
C VAL A 264 -3.54 5.72 16.29
N GLY A 265 -2.31 5.72 15.78
CA GLY A 265 -2.04 5.05 14.50
C GLY A 265 -2.43 3.59 14.50
N LEU A 266 -2.15 2.90 15.60
CA LEU A 266 -2.54 1.50 15.75
C LEU A 266 -4.05 1.30 15.66
N LYS A 267 -4.81 2.15 16.37
CA LYS A 267 -6.27 2.08 16.30
C LYS A 267 -6.79 2.35 14.89
N ILE A 268 -6.20 3.33 14.22
CA ILE A 268 -6.63 3.69 12.88
C ILE A 268 -6.35 2.56 11.86
N TYR A 269 -5.14 1.98 11.93
CA TYR A 269 -4.79 0.91 11.01
C TYR A 269 -5.66 -0.32 11.22
N GLU A 270 -5.97 -0.64 12.48
CA GLU A 270 -6.87 -1.74 12.76
C GLU A 270 -8.28 -1.49 12.21
N ALA A 271 -8.83 -0.32 12.51
CA ALA A 271 -10.17 0.06 12.02
C ALA A 271 -10.25 0.06 10.49
N ALA A 272 -9.19 0.52 9.83
CA ALA A 272 -9.13 0.55 8.36
C ALA A 272 -9.20 -0.83 7.73
N GLY A 273 -8.73 -1.85 8.45
CA GLY A 273 -8.76 -3.23 7.95
C GLY A 273 -10.12 -3.89 8.01
N ARG A 274 -11.07 -3.24 8.69
CA ARG A 274 -12.43 -3.76 8.85
C ARG A 274 -13.35 -3.29 7.74
N LEU A 275 -14.27 -4.16 7.33
CA LEU A 275 -15.29 -3.76 6.39
C LEU A 275 -16.48 -3.21 7.17
N ALA A 276 -16.65 -1.88 7.15
CA ALA A 276 -17.82 -1.24 7.79
C ALA A 276 -19.10 -1.68 7.07
N PRO A 277 -20.23 -1.72 7.79
CA PRO A 277 -21.46 -2.15 7.14
C PRO A 277 -21.77 -1.34 5.87
N GLY A 278 -21.89 -2.04 4.76
CA GLY A 278 -22.21 -1.44 3.47
C GLY A 278 -21.01 -0.90 2.70
N GLN A 279 -19.82 -1.04 3.28
CA GLN A 279 -18.58 -0.58 2.63
C GLN A 279 -18.31 -1.43 1.40
N THR A 280 -17.82 -0.81 0.33
CA THR A 280 -17.63 -1.50 -0.97
C THR A 280 -16.19 -1.42 -1.50
N TRP A 281 -15.24 -1.30 -0.58
CA TRP A 281 -13.81 -1.31 -0.93
C TRP A 281 -12.94 -1.71 0.25
N PHE A 282 -11.69 -2.03 -0.05
CA PHE A 282 -10.67 -2.22 0.97
C PHE A 282 -10.06 -0.86 1.24
N LYS A 283 -10.27 -0.33 2.44
CA LYS A 283 -9.70 0.98 2.78
C LYS A 283 -8.18 0.98 2.72
N ARG A 284 -7.62 2.06 2.16
CA ARG A 284 -6.19 2.35 2.31
C ARG A 284 -5.96 3.27 3.50
N ALA A 285 -5.01 2.90 4.35
CA ALA A 285 -4.63 3.75 5.49
C ALA A 285 -3.13 3.89 5.51
N TYR A 286 -2.69 5.13 5.54
CA TYR A 286 -1.29 5.45 5.73
C TYR A 286 -1.16 6.06 7.10
N VAL A 287 -0.30 5.46 7.92
CA VAL A 287 -0.13 5.94 9.30
C VAL A 287 1.34 6.19 9.51
N GLU A 288 1.69 7.45 9.76
CA GLU A 288 3.06 7.79 9.99
C GLU A 288 3.15 8.22 11.46
N THR A 289 3.88 7.42 12.21
CA THR A 289 3.77 7.41 13.66
C THR A 289 5.08 7.90 14.28
N GLY A 290 5.33 7.58 15.54
CA GLY A 290 6.47 8.21 16.22
C GLY A 290 7.82 7.61 15.96
N GLY A 291 8.79 8.02 16.77
CA GLY A 291 10.12 7.44 16.73
C GLY A 291 10.76 7.48 18.11
N LYS A 292 11.83 6.71 18.26
CA LYS A 292 12.72 6.85 19.42
C LYS A 292 14.11 6.95 18.82
N ASP A 293 14.43 8.14 18.34
CA ASP A 293 15.54 8.28 17.38
C ASP A 293 16.88 8.50 18.08
N ALA A 294 17.91 7.81 17.59
CA ALA A 294 19.24 7.90 18.17
C ALA A 294 20.26 8.53 17.26
N ILE A 295 21.21 9.21 17.88
CA ILE A 295 22.45 9.58 17.22
C ILE A 295 23.56 8.78 17.88
N ILE A 296 24.33 8.09 17.03
CA ILE A 296 25.54 7.37 17.48
C ILE A 296 26.73 8.29 17.29
N VAL A 297 27.65 8.33 18.27
CA VAL A 297 28.92 9.03 18.05
C VAL A 297 30.05 8.07 18.43
N ASP A 298 31.02 7.89 17.54
CA ASP A 298 32.16 7.04 17.87
C ASP A 298 33.41 7.88 18.13
N GLU A 299 34.51 7.25 18.54
CA GLU A 299 35.71 7.99 18.95
C GLU A 299 36.44 8.73 17.82
N THR A 300 36.03 8.49 16.57
CA THR A 300 36.67 9.12 15.41
C THR A 300 36.01 10.42 14.99
N ALA A 301 34.86 10.72 15.60
CA ALA A 301 34.04 11.86 15.19
C ALA A 301 34.65 13.22 15.54
N ASP A 302 34.19 14.25 14.84
CA ASP A 302 34.42 15.61 15.27
C ASP A 302 33.45 15.86 16.44
N PHE A 303 34.00 15.88 17.65
CA PHE A 303 33.15 15.92 18.87
C PHE A 303 32.37 17.23 19.00
N ASP A 304 32.98 18.32 18.55
CA ASP A 304 32.32 19.63 18.62
C ASP A 304 31.16 19.70 17.63
N LEU A 305 31.42 19.23 16.42
CA LEU A 305 30.38 19.09 15.41
C LEU A 305 29.25 18.19 15.92
N ALA A 306 29.62 17.06 16.51
CA ALA A 306 28.64 16.12 17.03
C ALA A 306 27.77 16.76 18.12
N ALA A 307 28.40 17.43 19.07
CA ALA A 307 27.67 18.00 20.20
C ALA A 307 26.64 19.03 19.71
N GLU A 308 27.03 19.86 18.76
CA GLU A 308 26.14 20.87 18.19
C GLU A 308 24.93 20.21 17.52
N GLY A 309 25.18 19.20 16.69
CA GLY A 309 24.12 18.52 15.95
C GLY A 309 23.19 17.74 16.88
N VAL A 310 23.76 17.20 17.97
CA VAL A 310 22.95 16.51 18.96
C VAL A 310 22.01 17.48 19.68
N VAL A 311 22.54 18.63 20.08
CA VAL A 311 21.75 19.64 20.76
C VAL A 311 20.62 20.19 19.89
N VAL A 312 20.94 20.50 18.64
CA VAL A 312 19.91 20.87 17.64
C VAL A 312 18.83 19.78 17.46
N SER A 313 19.26 18.53 17.28
CA SER A 313 18.34 17.43 17.03
C SER A 313 17.48 17.10 18.25
N ALA A 314 18.06 17.22 19.44
CA ALA A 314 17.34 16.87 20.68
C ALA A 314 16.39 17.95 21.15
N TYR A 315 16.77 19.22 20.96
CA TYR A 315 16.02 20.29 21.62
C TYR A 315 15.30 21.25 20.68
N GLY A 316 15.53 21.10 19.38
CA GLY A 316 14.77 21.90 18.41
C GLY A 316 13.28 21.68 18.60
N PHE A 317 12.52 22.77 18.63
CA PHE A 317 11.08 22.73 18.98
C PHE A 317 10.80 21.88 20.22
N GLN A 318 11.68 22.03 21.20
CA GLN A 318 11.49 21.43 22.53
C GLN A 318 11.45 19.89 22.48
N GLY A 319 12.10 19.30 21.46
CA GLY A 319 12.09 17.84 21.31
C GLY A 319 10.77 17.26 20.81
N GLN A 320 9.86 18.12 20.36
CA GLN A 320 8.51 17.73 19.95
C GLN A 320 8.48 17.43 18.45
N LYS A 321 9.38 16.54 18.04
CA LYS A 321 9.44 16.12 16.64
C LYS A 321 9.54 14.62 16.59
N CYS A 322 8.89 14.00 15.60
CA CYS A 322 8.99 12.58 15.40
C CYS A 322 10.43 12.17 15.03
N SER A 323 11.19 13.16 14.57
CA SER A 323 12.58 13.00 14.13
C SER A 323 13.63 13.36 15.18
N ALA A 324 13.19 13.89 16.32
CA ALA A 324 14.09 14.40 17.37
C ALA A 324 15.02 13.33 17.93
N ALA A 325 16.28 13.70 18.18
CA ALA A 325 17.22 12.78 18.84
C ALA A 325 16.83 12.69 20.31
N SER A 326 16.24 11.56 20.70
CA SER A 326 15.88 11.31 22.09
C SER A 326 16.86 10.32 22.73
N ARG A 327 17.73 9.72 21.91
CA ARG A 327 18.80 8.86 22.40
C ARG A 327 20.15 9.32 21.87
N LEU A 328 21.14 9.32 22.75
CA LEU A 328 22.52 9.58 22.33
C LEU A 328 23.34 8.37 22.72
N ILE A 329 23.84 7.65 21.71
CA ILE A 329 24.55 6.38 21.94
C ILE A 329 26.03 6.65 21.73
N LEU A 330 26.82 6.59 22.81
CA LEU A 330 28.23 6.94 22.74
C LEU A 330 29.11 5.73 22.97
N THR A 331 30.04 5.46 22.06
CA THR A 331 31.04 4.41 22.27
C THR A 331 31.96 4.82 23.42
N GLN A 332 32.73 3.89 23.97
CA GLN A 332 33.50 4.20 25.17
C GLN A 332 34.43 5.40 25.00
N GLY A 333 35.16 5.43 23.88
CA GLY A 333 36.09 6.52 23.58
C GLY A 333 35.42 7.88 23.33
N ALA A 334 34.17 7.86 22.89
CA ALA A 334 33.42 9.10 22.68
C ALA A 334 32.67 9.61 23.91
N TYR A 335 32.46 8.75 24.91
CA TYR A 335 31.53 9.05 26.01
C TYR A 335 31.83 10.36 26.72
N GLU A 336 32.99 10.45 27.38
CA GLU A 336 33.31 11.66 28.14
C GLU A 336 33.41 12.92 27.28
N PRO A 337 34.20 12.90 26.18
CA PRO A 337 34.34 14.13 25.39
C PRO A 337 33.02 14.65 24.81
N VAL A 338 32.16 13.75 24.32
CA VAL A 338 30.89 14.20 23.73
C VAL A 338 29.89 14.64 24.80
N LEU A 339 29.72 13.83 25.84
CA LEU A 339 28.78 14.21 26.90
C LEU A 339 29.13 15.57 27.51
N GLU A 340 30.42 15.80 27.76
CA GLU A 340 30.89 17.06 28.34
C GLU A 340 30.44 18.22 27.46
N ARG A 341 30.70 18.11 26.17
CA ARG A 341 30.36 19.14 25.20
C ARG A 341 28.85 19.32 25.05
N VAL A 342 28.10 18.21 25.07
CA VAL A 342 26.63 18.29 24.97
C VAL A 342 26.07 19.05 26.18
N LEU A 343 26.56 18.73 27.37
CA LEU A 343 26.07 19.36 28.61
C LEU A 343 26.37 20.85 28.62
N LYS A 344 27.57 21.21 28.19
CA LYS A 344 28.01 22.61 28.14
C LYS A 344 27.18 23.45 27.17
N ARG A 345 26.88 22.87 26.00
CA ARG A 345 26.01 23.53 25.03
C ARG A 345 24.58 23.60 25.52
N ALA A 346 24.07 22.50 26.09
CA ALA A 346 22.66 22.46 26.45
C ALA A 346 22.33 23.35 27.65
N GLU A 347 23.30 23.52 28.54
CA GLU A 347 23.04 24.35 29.72
C GLU A 347 22.96 25.84 29.37
N ARG A 348 23.44 26.21 28.17
CA ARG A 348 23.37 27.61 27.67
C ARG A 348 22.06 27.93 26.92
N LEU A 349 21.22 26.92 26.70
CA LEU A 349 20.00 27.12 25.91
C LEU A 349 19.01 27.99 26.67
N SER A 350 18.46 28.99 26.00
CA SER A 350 17.43 29.83 26.62
C SER A 350 16.04 29.22 26.48
N VAL A 351 15.19 29.48 27.47
CA VAL A 351 13.81 28.98 27.47
C VAL A 351 12.90 30.14 27.85
N GLY A 352 11.89 30.38 27.03
CA GLY A 352 10.93 31.43 27.36
C GLY A 352 9.82 31.53 26.34
N PRO A 353 9.00 32.58 26.45
CA PRO A 353 7.89 32.78 25.52
C PRO A 353 8.40 32.74 24.07
N ALA A 354 7.70 31.98 23.23
CA ALA A 354 8.16 31.78 21.84
C ALA A 354 8.33 33.11 21.07
N GLU A 355 7.48 34.10 21.37
CA GLU A 355 7.60 35.40 20.69
C GLU A 355 8.97 36.05 20.86
N GLU A 356 9.65 35.74 21.95
CA GLU A 356 10.98 36.26 22.24
C GLU A 356 12.10 35.60 21.42
N ASN A 357 11.73 34.63 20.58
CA ASN A 357 12.70 33.83 19.82
C ASN A 357 13.78 33.18 20.70
N PRO A 358 13.35 32.44 21.74
CA PRO A 358 14.27 31.73 22.62
C PRO A 358 14.79 30.49 21.88
N ASP A 359 15.75 29.81 22.48
CA ASP A 359 16.19 28.51 21.95
C ASP A 359 15.06 27.48 22.05
N LEU A 360 14.33 27.52 23.17
CA LEU A 360 13.17 26.66 23.39
C LEU A 360 12.01 27.51 23.85
N GLY A 361 10.86 27.34 23.23
CA GLY A 361 9.61 27.88 23.77
C GLY A 361 9.05 26.85 24.76
N PRO A 362 7.72 26.91 25.01
CA PRO A 362 7.08 25.95 25.92
C PRO A 362 6.74 24.66 25.19
N VAL A 363 6.43 23.58 25.92
CA VAL A 363 5.71 22.45 25.29
C VAL A 363 4.27 22.86 25.03
N VAL A 364 3.54 22.09 24.22
CA VAL A 364 2.35 22.62 23.54
C VAL A 364 1.09 22.80 24.40
N SER A 365 0.99 22.06 25.49
CA SER A 365 -0.26 22.03 26.26
C SER A 365 -0.01 21.54 27.67
N ALA A 366 -0.99 21.72 28.55
CA ALA A 366 -0.89 21.21 29.91
C ALA A 366 -0.73 19.68 29.94
N GLU A 367 -1.45 19.00 29.05
CA GLU A 367 -1.37 17.54 28.93
C GLU A 367 0.03 17.10 28.51
N GLN A 368 0.60 17.76 27.50
CA GLN A 368 1.97 17.45 27.09
C GLN A 368 2.96 17.69 28.22
N GLU A 369 2.80 18.81 28.92
CA GLU A 369 3.64 19.11 30.08
C GLU A 369 3.57 17.98 31.12
N ARG A 370 2.33 17.56 31.43
CA ARG A 370 2.11 16.49 32.41
C ARG A 370 2.84 15.20 32.01
N LYS A 371 2.72 14.82 30.74
CA LYS A 371 3.34 13.60 30.22
C LYS A 371 4.87 13.68 30.27
N VAL A 372 5.43 14.79 29.83
CA VAL A 372 6.89 14.97 29.85
C VAL A 372 7.42 14.95 31.29
N LEU A 373 6.75 15.66 32.19
CA LEU A 373 7.18 15.69 33.60
C LEU A 373 7.08 14.31 34.21
N SER A 374 6.05 13.56 33.80
CA SER A 374 5.85 12.18 34.28
C SER A 374 7.01 11.29 33.83
N TYR A 375 7.43 11.45 32.58
CA TYR A 375 8.57 10.71 32.06
C TYR A 375 9.88 11.09 32.74
N ILE A 376 10.00 12.35 33.13
CA ILE A 376 11.17 12.78 33.90
C ILE A 376 11.21 12.04 35.26
N GLU A 377 10.06 11.92 35.92
CA GLU A 377 10.01 11.18 37.19
C GLU A 377 10.40 9.72 37.00
N ILE A 378 9.86 9.09 35.97
CA ILE A 378 10.21 7.72 35.60
C ILE A 378 11.72 7.60 35.37
N GLY A 379 12.26 8.54 34.58
CA GLY A 379 13.67 8.58 34.25
C GLY A 379 14.59 8.64 35.46
N LYS A 380 14.20 9.42 36.47
CA LYS A 380 14.96 9.53 37.72
C LYS A 380 15.22 8.19 38.41
N ASN A 381 14.33 7.23 38.18
CA ASN A 381 14.47 5.88 38.74
C ASN A 381 15.10 4.87 37.78
N GLU A 382 15.53 5.35 36.61
CA GLU A 382 16.07 4.48 35.57
C GLU A 382 17.49 4.85 35.22
N GLY A 383 17.76 6.14 35.06
CA GLY A 383 19.10 6.62 34.74
C GLY A 383 19.54 7.71 35.69
N GLN A 384 20.64 8.37 35.35
CA GLN A 384 21.20 9.41 36.17
C GLN A 384 20.88 10.78 35.59
N LEU A 385 20.10 11.57 36.32
CA LEU A 385 19.78 12.93 35.87
C LEU A 385 21.03 13.80 35.99
N VAL A 386 21.45 14.41 34.88
CA VAL A 386 22.66 15.25 34.88
C VAL A 386 22.44 16.69 34.39
N LEU A 387 21.22 16.98 33.91
CA LEU A 387 20.85 18.35 33.52
C LEU A 387 19.35 18.51 33.50
N GLY A 388 18.86 19.65 33.99
CA GLY A 388 17.45 20.02 33.90
C GLY A 388 16.54 19.13 34.73
N GLY A 389 15.48 18.63 34.11
CA GLY A 389 14.52 17.75 34.79
C GLY A 389 13.44 18.50 35.54
N LYS A 390 13.25 19.77 35.21
CA LYS A 390 12.31 20.61 35.94
C LYS A 390 11.42 21.44 35.04
N ARG A 391 10.22 21.72 35.55
CA ARG A 391 9.38 22.76 34.99
C ARG A 391 10.01 24.09 35.44
N LEU A 392 10.01 25.07 34.56
CA LEU A 392 10.56 26.37 34.91
C LEU A 392 9.43 27.24 35.41
N GLU A 393 9.76 28.37 36.04
CA GLU A 393 8.76 29.30 36.55
C GLU A 393 8.00 29.96 35.42
N GLY A 394 6.71 30.17 35.63
CA GLY A 394 5.88 30.87 34.65
C GLY A 394 4.58 30.18 34.33
N GLU A 395 3.63 30.95 33.78
CA GLU A 395 2.32 30.42 33.40
C GLU A 395 2.46 29.46 32.21
N GLY A 396 3.34 29.80 31.27
CA GLY A 396 3.58 28.95 30.09
C GLY A 396 4.18 27.58 30.42
N TYR A 397 4.08 26.65 29.49
CA TYR A 397 4.48 25.27 29.75
C TYR A 397 5.98 25.04 29.51
N PHE A 398 6.80 25.74 30.29
CA PHE A 398 8.24 25.72 30.09
C PHE A 398 8.92 24.59 30.84
N ILE A 399 9.65 23.76 30.11
CA ILE A 399 10.40 22.65 30.68
C ILE A 399 11.86 22.83 30.29
N ALA A 400 12.76 22.65 31.24
CA ALA A 400 14.21 22.82 30.99
C ALA A 400 14.76 21.69 30.14
N PRO A 401 15.74 22.01 29.25
CA PRO A 401 16.46 20.93 28.55
C PRO A 401 16.99 19.91 29.57
N THR A 402 16.69 18.64 29.34
CA THR A 402 16.95 17.58 30.31
C THR A 402 17.83 16.50 29.72
N VAL A 403 18.78 16.01 30.52
CA VAL A 403 19.67 14.93 30.10
C VAL A 403 19.76 13.87 31.21
N PHE A 404 19.53 12.61 30.85
CA PHE A 404 19.81 11.47 31.71
C PHE A 404 20.97 10.73 31.09
N THR A 405 21.88 10.22 31.93
CA THR A 405 22.98 9.42 31.44
C THR A 405 23.06 8.04 32.10
N GLU A 406 23.91 7.16 31.56
CA GLU A 406 24.02 5.75 32.01
C GLU A 406 22.64 5.09 32.00
N VAL A 407 21.88 5.40 30.94
CA VAL A 407 20.53 4.89 30.79
C VAL A 407 20.63 3.48 30.20
N PRO A 408 20.00 2.50 30.86
CA PRO A 408 19.88 1.14 30.32
C PRO A 408 19.11 1.18 29.00
N PRO A 409 19.61 0.49 27.96
CA PRO A 409 18.94 0.46 26.65
C PRO A 409 17.47 0.06 26.71
N LYS A 410 17.09 -0.82 27.65
CA LYS A 410 15.70 -1.26 27.79
C LYS A 410 14.87 -0.43 28.77
N ALA A 411 15.44 0.63 29.34
CA ALA A 411 14.68 1.52 30.21
C ALA A 411 13.52 2.14 29.46
N ARG A 412 12.45 2.45 30.19
CA ARG A 412 11.29 3.11 29.58
C ARG A 412 11.68 4.42 28.86
N ILE A 413 12.55 5.21 29.47
CA ILE A 413 12.98 6.46 28.82
C ILE A 413 13.90 6.23 27.62
N ALA A 414 14.40 5.00 27.47
CA ALA A 414 15.20 4.63 26.28
C ALA A 414 14.38 3.93 25.19
N GLN A 415 13.09 3.73 25.42
CA GLN A 415 12.25 2.92 24.53
C GLN A 415 10.97 3.64 24.09
N GLU A 416 10.42 4.46 24.99
CA GLU A 416 9.12 5.08 24.79
C GLU A 416 9.29 6.53 24.35
N GLU A 417 8.46 6.94 23.40
CA GLU A 417 8.55 8.31 22.87
C GLU A 417 7.98 9.33 23.87
N ILE A 418 8.87 10.15 24.41
CA ILE A 418 8.54 11.18 25.43
C ILE A 418 8.04 12.45 24.76
N PHE A 419 8.63 12.80 23.61
CA PHE A 419 8.17 13.95 22.83
C PHE A 419 8.30 15.28 23.59
N GLY A 420 9.41 15.43 24.30
CA GLY A 420 9.75 16.65 25.04
C GLY A 420 11.27 16.79 25.04
N PRO A 421 11.80 17.81 25.74
CA PRO A 421 13.23 18.11 25.71
C PRO A 421 14.01 17.22 26.67
N VAL A 422 14.02 15.92 26.39
CA VAL A 422 14.58 14.91 27.28
C VAL A 422 15.45 13.96 26.48
N LEU A 423 16.75 14.03 26.75
CA LEU A 423 17.74 13.22 26.03
C LEU A 423 18.25 12.13 26.94
N SER A 424 18.26 10.90 26.42
CA SER A 424 18.76 9.73 27.16
C SER A 424 20.10 9.30 26.55
N VAL A 425 21.16 9.34 27.37
CA VAL A 425 22.51 9.03 26.93
C VAL A 425 22.85 7.58 27.34
N ILE A 426 23.29 6.80 26.35
CA ILE A 426 23.55 5.37 26.50
C ILE A 426 25.01 5.08 26.16
N ARG A 427 25.74 4.47 27.10
CA ARG A 427 27.15 4.17 26.90
C ARG A 427 27.34 2.74 26.41
N VAL A 428 28.07 2.57 25.31
CA VAL A 428 28.26 1.25 24.71
C VAL A 428 29.76 1.04 24.46
N LYS A 429 30.15 -0.20 24.17
CA LYS A 429 31.57 -0.52 24.02
C LYS A 429 32.15 0.02 22.72
N ASP A 430 31.49 -0.30 21.62
CA ASP A 430 32.03 -0.03 20.30
C ASP A 430 30.91 0.21 19.30
N PHE A 431 31.27 0.44 18.04
CA PHE A 431 30.28 0.72 16.99
C PHE A 431 29.26 -0.42 16.76
N ALA A 432 29.73 -1.67 16.81
CA ALA A 432 28.82 -2.81 16.72
C ALA A 432 27.71 -2.77 17.79
N GLU A 433 28.09 -2.56 19.04
CA GLU A 433 27.09 -2.48 20.11
C GLU A 433 26.22 -1.24 19.92
N ALA A 434 26.83 -0.16 19.43
CA ALA A 434 26.06 1.07 19.15
C ALA A 434 24.93 0.78 18.16
N LEU A 435 25.21 0.03 17.10
CA LEU A 435 24.19 -0.34 16.13
C LEU A 435 23.11 -1.25 16.72
N GLU A 436 23.53 -2.24 17.52
CA GLU A 436 22.57 -3.12 18.22
C GLU A 436 21.60 -2.31 19.06
N VAL A 437 22.13 -1.40 19.87
CA VAL A 437 21.30 -0.57 20.75
C VAL A 437 20.41 0.36 19.92
N ALA A 438 20.98 0.94 18.88
CA ALA A 438 20.22 1.82 17.99
C ALA A 438 18.98 1.10 17.41
N ASN A 439 19.18 -0.14 16.95
CA ASN A 439 18.14 -0.93 16.31
C ASN A 439 17.10 -1.55 17.26
N ASP A 440 17.48 -1.72 18.51
CA ASP A 440 16.62 -2.41 19.48
C ASP A 440 15.59 -1.48 20.12
N THR A 441 14.68 -0.97 19.29
CA THR A 441 13.48 -0.30 19.77
C THR A 441 12.35 -0.76 18.84
N PRO A 442 11.08 -0.49 19.20
CA PRO A 442 9.99 -0.82 18.27
C PRO A 442 9.93 0.08 17.03
N TYR A 443 10.72 1.15 17.03
CA TYR A 443 10.59 2.22 16.02
C TYR A 443 11.70 2.16 14.97
N GLY A 444 11.63 3.06 13.99
CA GLY A 444 12.66 3.07 12.93
C GLY A 444 12.54 4.29 12.03
N LEU A 445 12.47 5.48 12.64
CA LEU A 445 12.17 6.70 11.88
C LEU A 445 13.43 7.43 11.41
N THR A 446 14.11 8.11 12.34
CA THR A 446 15.36 8.80 12.02
C THR A 446 16.51 8.26 12.86
N GLY A 447 17.72 8.51 12.37
CA GLY A 447 18.92 8.13 13.07
C GLY A 447 20.06 8.95 12.53
N GLY A 448 21.14 9.03 13.32
CA GLY A 448 22.34 9.73 12.89
C GLY A 448 23.60 9.04 13.36
N VAL A 449 24.69 9.26 12.62
CA VAL A 449 26.01 8.79 13.02
C VAL A 449 26.99 9.93 12.81
N TYR A 450 27.74 10.28 13.87
CA TYR A 450 28.91 11.14 13.72
C TYR A 450 30.12 10.24 13.82
N SER A 451 30.90 10.20 12.75
CA SER A 451 32.08 9.36 12.63
C SER A 451 32.88 9.84 11.43
N ARG A 452 34.20 9.75 11.51
CA ARG A 452 35.03 9.97 10.32
C ARG A 452 35.42 8.64 9.66
N LYS A 453 35.12 7.53 10.32
CA LYS A 453 35.51 6.22 9.79
C LYS A 453 34.57 5.76 8.68
N ARG A 454 35.08 5.68 7.46
CA ARG A 454 34.23 5.35 6.29
C ARG A 454 33.50 4.03 6.48
N GLU A 455 34.20 3.04 7.04
CA GLU A 455 33.63 1.71 7.20
C GLU A 455 32.45 1.69 8.18
N HIS A 456 32.50 2.56 9.20
CA HIS A 456 31.39 2.68 10.15
C HIS A 456 30.19 3.35 9.49
N LEU A 457 30.42 4.43 8.76
CA LEU A 457 29.35 5.09 8.02
C LEU A 457 28.65 4.16 7.03
N GLU A 458 29.44 3.45 6.23
CA GLU A 458 28.85 2.59 5.21
C GLU A 458 28.15 1.37 5.84
N TRP A 459 28.69 0.90 6.97
CA TRP A 459 28.03 -0.15 7.77
C TRP A 459 26.63 0.33 8.23
N ALA A 460 26.57 1.56 8.74
CA ALA A 460 25.30 2.13 9.21
C ALA A 460 24.34 2.30 8.03
N ARG A 461 24.88 2.69 6.88
CA ARG A 461 24.06 2.84 5.67
C ARG A 461 23.31 1.55 5.42
N ARG A 462 23.98 0.41 5.64
CA ARG A 462 23.41 -0.90 5.40
C ARG A 462 22.58 -1.44 6.55
N GLU A 463 22.95 -1.09 7.79
CA GLU A 463 22.40 -1.80 8.95
C GLU A 463 21.71 -0.99 10.06
N PHE A 464 21.83 0.34 10.04
CA PHE A 464 21.15 1.19 11.01
C PHE A 464 19.73 1.35 10.45
N HIS A 465 18.79 0.55 10.98
CA HIS A 465 17.50 0.33 10.33
C HIS A 465 16.48 1.43 10.64
N VAL A 466 16.67 2.57 9.98
CA VAL A 466 15.75 3.71 10.08
C VAL A 466 15.47 4.22 8.68
N GLY A 467 14.29 4.82 8.48
CA GLY A 467 13.90 5.32 7.16
C GLY A 467 14.68 6.54 6.68
N ASN A 468 15.16 7.33 7.64
CA ASN A 468 15.89 8.57 7.34
C ASN A 468 17.12 8.67 8.20
N LEU A 469 18.28 8.50 7.58
CA LEU A 469 19.55 8.35 8.28
C LEU A 469 20.46 9.48 7.83
N TYR A 470 21.20 10.08 8.77
CA TYR A 470 22.04 11.25 8.46
C TYR A 470 23.41 11.06 9.05
N PHE A 471 24.45 11.40 8.27
CA PHE A 471 25.83 11.28 8.72
C PHE A 471 26.48 12.64 8.90
N ASN A 472 27.02 12.87 10.09
CA ASN A 472 27.76 14.10 10.40
C ASN A 472 26.96 15.40 10.24
N ARG A 473 25.69 15.31 10.62
CA ARG A 473 24.75 16.42 10.60
C ARG A 473 23.52 16.08 11.45
N LYS A 474 22.69 17.09 11.74
CA LYS A 474 21.46 16.91 12.51
C LYS A 474 20.50 15.89 11.85
N ILE A 475 19.65 15.27 12.65
CA ILE A 475 18.75 14.23 12.13
C ILE A 475 17.31 14.70 11.93
N THR A 476 17.10 15.99 12.16
CA THR A 476 15.79 16.62 11.98
C THR A 476 15.82 17.48 10.71
N GLY A 477 14.65 17.98 10.33
CA GLY A 477 14.55 18.93 9.21
C GLY A 477 14.72 18.35 7.81
N ALA A 478 14.21 17.13 7.61
CA ALA A 478 14.23 16.48 6.29
C ALA A 478 13.59 17.43 5.30
N LEU A 479 14.28 17.67 4.19
CA LEU A 479 13.77 18.58 3.17
C LEU A 479 12.98 17.85 2.11
N VAL A 480 11.84 18.44 1.73
CA VAL A 480 11.01 17.93 0.64
C VAL A 480 11.85 17.74 -0.63
N GLY A 481 11.72 16.57 -1.26
CA GLY A 481 12.44 16.29 -2.52
C GLY A 481 13.83 15.72 -2.31
N VAL A 482 14.53 16.25 -1.30
CA VAL A 482 15.92 15.88 -1.01
C VAL A 482 15.96 14.58 -0.23
N GLN A 483 15.14 14.52 0.81
CA GLN A 483 15.16 13.40 1.75
C GLN A 483 13.75 12.87 1.91
N PRO A 484 13.33 11.95 1.04
CA PRO A 484 12.01 11.31 1.21
C PRO A 484 11.82 10.91 2.68
N PHE A 485 10.71 11.30 3.28
CA PHE A 485 10.58 11.18 4.73
C PHE A 485 9.54 10.15 5.18
N GLY A 486 9.98 9.23 6.04
CA GLY A 486 9.08 8.20 6.55
C GLY A 486 9.87 7.00 7.01
N GLY A 487 9.30 6.26 7.97
CA GLY A 487 10.09 5.26 8.70
C GLY A 487 9.74 3.80 8.50
N PHE A 488 10.37 2.98 9.33
CA PHE A 488 10.17 1.54 9.34
C PHE A 488 9.53 1.14 10.64
N LYS A 489 9.12 -0.11 10.71
CA LYS A 489 8.67 -0.72 11.96
C LYS A 489 7.47 0.06 12.51
N LEU A 490 7.44 0.32 13.81
CA LEU A 490 6.26 1.01 14.36
C LEU A 490 6.33 2.53 14.21
N SER A 491 7.29 3.01 13.41
CA SER A 491 7.26 4.40 12.98
C SER A 491 6.30 4.62 11.80
N GLY A 492 5.67 3.54 11.32
CA GLY A 492 4.57 3.76 10.39
C GLY A 492 4.59 2.90 9.15
N THR A 493 3.88 3.34 8.10
CA THR A 493 3.70 2.53 6.89
C THR A 493 4.71 2.87 5.79
N ASN A 494 5.69 3.71 6.09
CA ASN A 494 6.75 4.09 5.13
C ASN A 494 6.17 4.85 3.91
N ALA A 495 5.10 5.61 4.12
CA ALA A 495 4.63 6.55 3.08
C ALA A 495 5.68 7.63 3.03
N LYS A 496 6.42 7.71 1.94
CA LYS A 496 7.53 8.65 1.88
C LYS A 496 7.06 10.03 1.39
N THR A 497 6.92 10.99 2.31
CA THR A 497 6.47 12.34 1.94
C THR A 497 7.59 13.08 1.18
N GLY A 498 7.21 14.02 0.31
CA GLY A 498 8.19 14.77 -0.47
C GLY A 498 9.01 13.88 -1.41
N ALA A 499 8.35 12.85 -1.94
CA ALA A 499 8.95 11.93 -2.89
C ALA A 499 7.91 11.57 -3.96
N LEU A 500 8.41 11.20 -5.14
CA LEU A 500 7.52 10.84 -6.27
C LEU A 500 6.55 9.72 -5.87
N ASP A 501 7.06 8.76 -5.10
CA ASP A 501 6.31 7.59 -4.67
C ASP A 501 5.07 7.93 -3.83
N TYR A 502 5.09 9.07 -3.13
CA TYR A 502 3.96 9.45 -2.27
C TYR A 502 2.63 9.46 -3.03
N LEU A 503 2.62 10.04 -4.24
CA LEU A 503 1.35 10.25 -4.92
C LEU A 503 0.74 8.94 -5.41
N ARG A 504 1.58 7.93 -5.66
CA ARG A 504 1.10 6.62 -6.10
C ARG A 504 0.16 5.98 -5.08
N LEU A 505 0.37 6.31 -3.80
CA LEU A 505 -0.43 5.81 -2.71
C LEU A 505 -1.90 6.22 -2.83
N PHE A 506 -2.14 7.29 -3.57
CA PHE A 506 -3.50 7.85 -3.69
C PHE A 506 -4.11 7.64 -5.07
N LEU A 507 -3.58 6.64 -5.77
CA LEU A 507 -4.04 6.28 -7.12
C LEU A 507 -4.29 4.78 -7.22
N GLU A 508 -5.20 4.41 -8.12
CA GLU A 508 -5.31 3.01 -8.54
C GLU A 508 -5.17 2.95 -10.06
N MET A 509 -4.90 1.75 -10.59
CA MET A 509 -4.60 1.62 -12.02
C MET A 509 -5.70 0.88 -12.74
N LYS A 510 -6.02 1.36 -13.95
CA LYS A 510 -6.95 0.67 -14.84
C LYS A 510 -6.18 0.26 -16.10
N ALA A 511 -6.49 -0.92 -16.64
CA ALA A 511 -5.89 -1.41 -17.89
C ALA A 511 -7.01 -1.63 -18.88
N VAL A 512 -6.96 -0.92 -20.02
CA VAL A 512 -8.01 -1.03 -21.04
C VAL A 512 -7.43 -1.48 -22.38
N ALA A 513 -7.92 -2.61 -22.88
CA ALA A 513 -7.48 -3.20 -24.16
C ALA A 513 -8.58 -3.06 -25.20
N GLU A 514 -8.23 -2.56 -26.38
CA GLU A 514 -9.13 -2.61 -27.53
C GLU A 514 -8.55 -3.51 -28.63
N ARG A 515 -9.31 -4.54 -29.02
CA ARG A 515 -8.91 -5.37 -30.14
C ARG A 515 -9.56 -4.80 -31.41
N PHE A 516 -8.74 -4.37 -32.35
CA PHE A 516 -9.26 -3.67 -33.55
C PHE A 516 -9.85 -4.59 -34.60
N MET B 1 23.18 -7.16 -16.07
CA MET B 1 22.46 -8.26 -16.80
C MET B 1 21.76 -7.75 -18.06
N THR B 2 22.07 -8.37 -19.21
CA THR B 2 21.39 -8.04 -20.47
C THR B 2 20.77 -9.28 -21.12
N VAL B 3 19.45 -9.26 -21.19
CA VAL B 3 18.69 -10.35 -21.78
C VAL B 3 17.82 -9.76 -22.90
N GLU B 4 17.21 -10.63 -23.70
CA GLU B 4 16.31 -10.18 -24.76
C GLU B 4 15.16 -9.43 -24.11
N PRO B 5 14.58 -8.46 -24.83
CA PRO B 5 13.34 -7.80 -24.36
C PRO B 5 12.28 -8.85 -24.04
N PHE B 6 11.53 -8.60 -22.98
CA PHE B 6 10.44 -9.50 -22.60
C PHE B 6 9.49 -9.75 -23.76
N ARG B 7 9.12 -11.03 -23.94
CA ARG B 7 8.02 -11.43 -24.80
C ARG B 7 7.20 -12.47 -24.03
N ASN B 8 5.90 -12.53 -24.31
CA ASN B 8 5.05 -13.54 -23.66
C ASN B 8 5.34 -14.92 -24.22
N GLU B 9 5.33 -15.92 -23.35
CA GLU B 9 5.48 -17.31 -23.75
C GLU B 9 4.27 -17.71 -24.62
N PRO B 10 4.53 -18.21 -25.83
CA PRO B 10 3.42 -18.63 -26.69
C PRO B 10 2.57 -19.70 -26.02
N ILE B 11 1.26 -19.55 -26.15
CA ILE B 11 0.28 -20.53 -25.64
C ILE B 11 0.10 -21.62 -26.70
N GLU B 12 0.36 -22.86 -26.33
CA GLU B 12 0.23 -23.98 -27.26
C GLU B 12 -1.23 -24.20 -27.61
N THR B 13 -1.51 -24.35 -28.91
CA THR B 13 -2.86 -24.62 -29.43
C THR B 13 -3.06 -26.09 -29.78
N PHE B 14 -1.97 -26.85 -29.87
CA PHE B 14 -2.00 -28.30 -30.15
C PHE B 14 -2.58 -28.61 -31.54
N GLN B 15 -2.34 -27.71 -32.49
CA GLN B 15 -2.79 -27.90 -33.87
C GLN B 15 -1.85 -28.80 -34.68
N THR B 16 -0.64 -29.02 -34.18
CA THR B 16 0.31 -29.90 -34.86
C THR B 16 0.31 -31.30 -34.25
N GLU B 17 0.68 -32.28 -35.07
CA GLU B 17 0.82 -33.64 -34.60
C GLU B 17 1.90 -33.75 -33.51
N GLU B 18 3.01 -33.04 -33.67
CA GLU B 18 4.06 -33.10 -32.67
C GLU B 18 3.59 -32.63 -31.29
N ALA B 19 2.80 -31.55 -31.28
CA ALA B 19 2.30 -30.99 -30.03
C ALA B 19 1.33 -31.95 -29.34
N ARG B 20 0.47 -32.60 -30.12
CA ARG B 20 -0.47 -33.56 -29.56
C ARG B 20 0.26 -34.79 -29.02
N ARG B 21 1.24 -35.28 -29.79
CA ARG B 21 2.09 -36.39 -29.36
C ARG B 21 2.80 -36.08 -28.04
N ALA B 22 3.40 -34.89 -27.96
CA ALA B 22 4.08 -34.44 -26.76
C ALA B 22 3.12 -34.35 -25.56
N MET B 23 1.90 -33.89 -25.80
CA MET B 23 0.90 -33.84 -24.73
C MET B 23 0.52 -35.26 -24.24
N ARG B 24 0.21 -36.17 -25.17
CA ARG B 24 -0.12 -37.54 -24.77
C ARG B 24 0.97 -38.19 -23.95
N GLU B 25 2.23 -37.96 -24.35
CA GLU B 25 3.39 -38.48 -23.65
C GLU B 25 3.47 -37.93 -22.22
N ALA B 26 3.22 -36.62 -22.08
CA ALA B 26 3.20 -35.97 -20.78
C ALA B 26 2.06 -36.47 -19.88
N LEU B 27 0.87 -36.63 -20.45
CA LEU B 27 -0.28 -37.17 -19.73
C LEU B 27 0.05 -38.57 -19.21
N ARG B 28 0.69 -39.39 -20.05
CA ARG B 28 1.11 -40.72 -19.61
C ARG B 28 2.11 -40.70 -18.46
N ARG B 29 3.16 -39.89 -18.60
CA ARG B 29 4.19 -39.78 -17.54
C ARG B 29 3.55 -39.34 -16.22
N VAL B 30 2.66 -38.35 -16.30
CA VAL B 30 2.02 -37.81 -15.11
C VAL B 30 1.14 -38.84 -14.41
N ARG B 31 0.34 -39.59 -15.18
CA ARG B 31 -0.56 -40.56 -14.57
C ARG B 31 0.18 -41.77 -14.02
N GLU B 32 1.31 -42.12 -14.63
CA GLU B 32 2.17 -43.18 -14.11
C GLU B 32 2.74 -42.81 -12.74
N GLU B 33 2.77 -41.51 -12.45
CA GLU B 33 3.27 -41.00 -11.18
C GLU B 33 2.16 -40.62 -10.19
N PHE B 34 0.90 -40.97 -10.49
CA PHE B 34 -0.21 -40.71 -9.55
C PHE B 34 0.04 -41.22 -8.12
N GLY B 35 0.88 -42.24 -7.99
CA GLY B 35 1.18 -42.77 -6.64
C GLY B 35 2.05 -41.88 -5.76
N ARG B 36 2.64 -40.84 -6.35
CA ARG B 36 3.69 -40.08 -5.65
C ARG B 36 3.23 -39.30 -4.41
N HIS B 37 4.12 -39.25 -3.43
CA HIS B 37 3.98 -38.40 -2.25
C HIS B 37 5.02 -37.29 -2.28
N TYR B 38 4.56 -36.06 -2.05
CA TYR B 38 5.44 -34.88 -2.09
C TYR B 38 5.49 -34.26 -0.70
N PRO B 39 6.67 -34.24 -0.07
CA PRO B 39 6.81 -33.60 1.24
C PRO B 39 6.66 -32.07 1.19
N LEU B 40 6.70 -31.46 2.38
CA LEU B 40 6.92 -30.02 2.50
C LEU B 40 8.31 -29.67 2.00
N TYR B 41 8.55 -28.39 1.72
CA TYR B 41 9.91 -27.95 1.41
C TYR B 41 10.23 -26.79 2.32
N ILE B 42 11.19 -27.00 3.22
CA ILE B 42 11.54 -26.02 4.25
C ILE B 42 13.06 -25.95 4.35
N GLY B 43 13.60 -24.72 4.28
CA GLY B 43 15.03 -24.53 4.42
C GLY B 43 15.86 -25.39 3.49
N GLY B 44 15.46 -25.46 2.22
CA GLY B 44 16.29 -26.10 1.20
C GLY B 44 16.19 -27.61 1.13
N GLU B 45 15.31 -28.19 1.94
CA GLU B 45 15.12 -29.63 1.92
C GLU B 45 13.66 -30.07 1.97
N TRP B 46 13.40 -31.26 1.42
CA TRP B 46 12.08 -31.86 1.49
C TRP B 46 11.94 -32.51 2.85
N VAL B 47 10.86 -32.16 3.55
CA VAL B 47 10.65 -32.54 4.94
C VAL B 47 9.26 -33.13 4.98
N ASP B 48 9.15 -34.38 5.41
CA ASP B 48 7.86 -35.06 5.44
C ASP B 48 7.14 -34.88 6.80
N THR B 49 5.85 -35.19 6.84
CA THR B 49 5.06 -35.14 8.07
C THR B 49 4.28 -36.45 8.24
N LYS B 50 3.71 -36.65 9.42
CA LYS B 50 2.88 -37.82 9.70
C LYS B 50 1.55 -37.76 8.92
N GLU B 51 0.84 -36.64 9.05
CA GLU B 51 -0.43 -36.48 8.37
C GLU B 51 -0.20 -36.08 6.90
N ARG B 52 -1.23 -36.22 6.08
CA ARG B 52 -1.06 -35.96 4.65
C ARG B 52 -2.27 -35.27 4.05
N MET B 53 -2.07 -34.72 2.85
CA MET B 53 -3.14 -34.09 2.07
C MET B 53 -3.30 -34.99 0.84
N VAL B 54 -4.55 -35.26 0.46
CA VAL B 54 -4.84 -36.09 -0.71
C VAL B 54 -5.41 -35.22 -1.83
N SER B 55 -4.92 -35.43 -3.05
CA SER B 55 -5.42 -34.69 -4.19
C SER B 55 -6.09 -35.66 -5.17
N LEU B 56 -7.31 -35.30 -5.60
CA LEU B 56 -8.12 -36.17 -6.45
C LEU B 56 -8.22 -35.62 -7.85
N ASN B 57 -8.52 -36.50 -8.80
CA ASN B 57 -8.83 -36.11 -10.17
C ASN B 57 -10.30 -35.72 -10.27
N PRO B 58 -10.61 -34.42 -10.51
CA PRO B 58 -12.03 -34.01 -10.53
C PRO B 58 -12.82 -34.59 -11.69
N SER B 59 -12.11 -35.14 -12.69
CA SER B 59 -12.78 -35.84 -13.79
C SER B 59 -13.09 -37.30 -13.44
N ALA B 60 -12.50 -37.78 -12.35
CA ALA B 60 -12.64 -39.17 -11.87
C ALA B 60 -12.19 -39.20 -10.41
N PRO B 61 -13.02 -38.65 -9.51
CA PRO B 61 -12.54 -38.37 -8.15
C PRO B 61 -12.22 -39.60 -7.28
N SER B 62 -12.54 -40.80 -7.77
CA SER B 62 -12.04 -42.02 -7.10
C SER B 62 -10.54 -42.25 -7.37
N GLU B 63 -9.99 -41.49 -8.32
CA GLU B 63 -8.59 -41.60 -8.69
C GLU B 63 -7.74 -40.54 -7.98
N VAL B 64 -6.80 -41.00 -7.15
CA VAL B 64 -5.87 -40.11 -6.46
C VAL B 64 -4.76 -39.70 -7.44
N VAL B 65 -4.51 -38.39 -7.55
CA VAL B 65 -3.43 -37.91 -8.43
C VAL B 65 -2.12 -37.73 -7.68
N GLY B 66 -2.20 -37.73 -6.35
CA GLY B 66 -1.00 -37.65 -5.51
C GLY B 66 -1.35 -37.31 -4.08
N THR B 67 -0.36 -37.42 -3.20
CA THR B 67 -0.52 -36.96 -1.82
C THR B 67 0.64 -36.06 -1.45
N THR B 68 0.41 -35.18 -0.48
CA THR B 68 1.49 -34.35 0.05
C THR B 68 1.52 -34.41 1.57
N ALA B 69 2.64 -33.97 2.13
CA ALA B 69 2.73 -33.68 3.56
C ALA B 69 1.73 -32.56 3.93
N LYS B 70 1.53 -32.37 5.21
CA LYS B 70 0.50 -31.46 5.73
C LYS B 70 1.12 -30.62 6.82
N ALA B 71 1.27 -29.32 6.54
CA ALA B 71 1.91 -28.40 7.45
C ALA B 71 0.96 -27.98 8.57
N GLY B 72 1.43 -28.08 9.80
CA GLY B 72 0.70 -27.55 10.96
C GLY B 72 1.49 -26.41 11.56
N LYS B 73 1.18 -26.05 12.81
CA LYS B 73 1.85 -24.92 13.46
C LYS B 73 3.36 -25.10 13.61
N ALA B 74 3.80 -26.32 13.96
CA ALA B 74 5.23 -26.57 14.13
C ALA B 74 5.99 -26.38 12.82
N GLU B 75 5.40 -26.84 11.72
CA GLU B 75 6.04 -26.70 10.41
C GLU B 75 6.02 -25.25 9.95
N ALA B 76 4.96 -24.52 10.29
CA ALA B 76 4.90 -23.06 10.04
C ALA B 76 6.02 -22.33 10.78
N GLU B 77 6.24 -22.68 12.06
CA GLU B 77 7.35 -22.15 12.84
C GLU B 77 8.73 -22.47 12.25
N ALA B 78 8.91 -23.71 11.80
CA ALA B 78 10.16 -24.13 11.17
C ALA B 78 10.43 -23.31 9.90
N ALA B 79 9.37 -23.11 9.10
CA ALA B 79 9.44 -22.33 7.86
C ALA B 79 9.75 -20.87 8.15
N LEU B 80 9.12 -20.33 9.19
CA LEU B 80 9.42 -18.94 9.63
C LEU B 80 10.86 -18.75 10.02
N GLU B 81 11.39 -19.67 10.83
CA GLU B 81 12.80 -19.59 11.19
C GLU B 81 13.71 -19.62 9.96
N ALA B 82 13.42 -20.56 9.05
CA ALA B 82 14.22 -20.73 7.84
C ALA B 82 14.16 -19.48 6.96
N ALA B 83 12.96 -18.92 6.82
CA ALA B 83 12.76 -17.77 5.93
C ALA B 83 13.41 -16.50 6.49
N TRP B 84 13.33 -16.31 7.81
CA TRP B 84 13.98 -15.14 8.41
C TRP B 84 15.49 -15.29 8.40
N LYS B 85 15.99 -16.50 8.66
CA LYS B 85 17.42 -16.74 8.56
C LYS B 85 17.94 -16.48 7.15
N ALA B 86 17.22 -16.98 6.13
CA ALA B 86 17.62 -16.77 4.73
C ALA B 86 17.53 -15.31 4.35
N PHE B 87 16.52 -14.61 4.86
CA PHE B 87 16.35 -13.19 4.52
C PHE B 87 17.59 -12.34 4.82
N LYS B 88 18.26 -12.63 5.94
CA LYS B 88 19.44 -11.89 6.36
C LYS B 88 20.53 -11.79 5.30
N THR B 89 20.66 -12.84 4.49
CA THR B 89 21.68 -12.83 3.43
C THR B 89 21.10 -12.64 2.03
N TRP B 90 19.89 -13.16 1.80
CA TRP B 90 19.26 -13.06 0.47
C TRP B 90 19.00 -11.59 0.12
N LYS B 91 18.65 -10.80 1.13
CA LYS B 91 18.42 -9.37 0.91
C LYS B 91 19.68 -8.68 0.38
N ASP B 92 20.86 -9.23 0.68
CA ASP B 92 22.13 -8.61 0.28
C ASP B 92 22.68 -9.10 -1.07
N TRP B 93 22.01 -10.06 -1.70
CA TRP B 93 22.41 -10.46 -3.04
C TRP B 93 22.28 -9.27 -3.99
N PRO B 94 23.24 -9.08 -4.91
CA PRO B 94 23.04 -8.10 -5.97
C PRO B 94 21.75 -8.44 -6.69
N GLN B 95 21.02 -7.42 -7.12
CA GLN B 95 19.77 -7.68 -7.85
C GLN B 95 20.05 -8.54 -9.08
N GLU B 96 21.17 -8.29 -9.74
CA GLU B 96 21.47 -9.04 -10.97
C GLU B 96 21.56 -10.54 -10.65
N ASP B 97 22.10 -10.88 -9.48
CA ASP B 97 22.22 -12.29 -9.08
C ASP B 97 20.85 -12.89 -8.80
N ARG B 98 19.98 -12.14 -8.11
CA ARG B 98 18.61 -12.64 -7.85
C ARG B 98 17.84 -12.80 -9.15
N SER B 99 17.96 -11.81 -10.03
CA SER B 99 17.28 -11.87 -11.33
C SER B 99 17.73 -13.07 -12.17
N ARG B 100 19.03 -13.38 -12.16
CA ARG B 100 19.51 -14.55 -12.88
C ARG B 100 18.93 -15.86 -12.33
N LEU B 101 18.76 -15.92 -11.01
CA LEU B 101 18.14 -17.09 -10.39
C LEU B 101 16.70 -17.30 -10.90
N LEU B 102 15.93 -16.21 -10.99
CA LEU B 102 14.59 -16.28 -11.58
C LEU B 102 14.66 -16.75 -13.01
N LEU B 103 15.57 -16.18 -13.79
CA LEU B 103 15.69 -16.56 -15.20
C LEU B 103 16.00 -18.06 -15.36
N LYS B 104 16.83 -18.60 -14.48
CA LYS B 104 17.10 -20.05 -14.46
C LYS B 104 15.80 -20.83 -14.18
N ALA B 105 15.06 -20.41 -13.15
CA ALA B 105 13.81 -21.08 -12.81
C ALA B 105 12.85 -21.05 -14.01
N ALA B 106 12.80 -19.91 -14.71
CA ALA B 106 11.93 -19.84 -15.89
C ALA B 106 12.35 -20.85 -16.95
N ALA B 107 13.66 -20.98 -17.17
CA ALA B 107 14.18 -21.87 -18.23
C ALA B 107 13.85 -23.32 -17.86
N LEU B 108 13.99 -23.65 -16.58
CA LEU B 108 13.62 -24.98 -16.07
C LEU B 108 12.13 -25.25 -16.22
N MET B 109 11.30 -24.27 -15.90
CA MET B 109 9.86 -24.41 -16.07
C MET B 109 9.48 -24.62 -17.53
N ARG B 110 10.10 -23.86 -18.44
CA ARG B 110 9.75 -23.95 -19.86
C ARG B 110 10.09 -25.36 -20.36
N ARG B 111 11.18 -25.92 -19.86
CA ARG B 111 11.58 -27.28 -20.23
C ARG B 111 10.63 -28.35 -19.72
N ARG B 112 9.85 -28.02 -18.69
CA ARG B 112 8.90 -28.98 -18.11
C ARG B 112 7.46 -28.58 -18.36
N LYS B 113 7.22 -27.77 -19.40
CA LYS B 113 5.88 -27.22 -19.56
C LYS B 113 4.80 -28.28 -19.84
N ARG B 114 5.08 -29.27 -20.68
CA ARG B 114 4.06 -30.31 -20.97
C ARG B 114 3.70 -31.10 -19.70
N GLU B 115 4.71 -31.46 -18.90
CA GLU B 115 4.48 -32.17 -17.62
C GLU B 115 3.59 -31.34 -16.69
N LEU B 116 3.89 -30.05 -16.57
CA LEU B 116 3.07 -29.18 -15.73
C LEU B 116 1.65 -29.02 -16.25
N GLU B 117 1.51 -28.84 -17.57
CA GLU B 117 0.17 -28.75 -18.19
C GLU B 117 -0.63 -30.02 -17.93
N ALA B 118 -0.01 -31.19 -18.13
CA ALA B 118 -0.66 -32.48 -17.87
C ALA B 118 -1.08 -32.64 -16.41
N THR B 119 -0.28 -32.11 -15.49
CA THR B 119 -0.60 -32.12 -14.07
C THR B 119 -1.85 -31.25 -13.81
N LEU B 120 -1.91 -30.08 -14.45
CA LEU B 120 -3.11 -29.23 -14.35
C LEU B 120 -4.36 -29.95 -14.89
N VAL B 121 -4.21 -30.62 -16.02
CA VAL B 121 -5.31 -31.37 -16.63
C VAL B 121 -5.89 -32.37 -15.61
N TYR B 122 -5.02 -33.20 -15.03
CA TYR B 122 -5.49 -34.24 -14.12
C TYR B 122 -5.84 -33.75 -12.73
N GLU B 123 -5.12 -32.75 -12.20
CA GLU B 123 -5.37 -32.32 -10.81
C GLU B 123 -6.52 -31.32 -10.67
N VAL B 124 -6.67 -30.37 -11.60
CA VAL B 124 -7.71 -29.34 -11.46
C VAL B 124 -8.69 -29.25 -12.65
N GLY B 125 -8.58 -30.21 -13.57
CA GLY B 125 -9.58 -30.37 -14.61
C GLY B 125 -9.55 -29.30 -15.68
N LYS B 126 -8.37 -28.75 -15.97
CA LYS B 126 -8.21 -27.85 -17.11
C LYS B 126 -8.12 -28.65 -18.40
N ASN B 127 -8.79 -28.18 -19.44
CA ASN B 127 -8.52 -28.74 -20.77
C ASN B 127 -7.12 -28.33 -21.25
N TRP B 128 -6.73 -28.75 -22.45
CA TRP B 128 -5.31 -28.63 -22.86
C TRP B 128 -4.87 -27.17 -23.01
N VAL B 129 -5.69 -26.36 -23.65
CA VAL B 129 -5.29 -24.96 -23.89
C VAL B 129 -5.37 -24.13 -22.61
N GLU B 130 -6.38 -24.39 -21.76
CA GLU B 130 -6.41 -23.74 -20.44
C GLU B 130 -5.16 -24.05 -19.63
N ALA B 131 -4.72 -25.32 -19.65
CA ALA B 131 -3.51 -25.72 -18.95
C ALA B 131 -2.27 -25.04 -19.53
N SER B 132 -2.19 -24.98 -20.86
CA SER B 132 -1.05 -24.34 -21.51
C SER B 132 -0.98 -22.85 -21.18
N ALA B 133 -2.13 -22.17 -21.16
CA ALA B 133 -2.20 -20.74 -20.84
C ALA B 133 -1.68 -20.50 -19.42
N ASP B 134 -2.08 -21.38 -18.50
CA ASP B 134 -1.71 -21.28 -17.08
C ASP B 134 -0.20 -21.39 -16.94
N VAL B 135 0.41 -22.42 -17.52
CA VAL B 135 1.86 -22.59 -17.41
C VAL B 135 2.63 -21.44 -18.08
N ALA B 136 2.16 -21.01 -19.23
CA ALA B 136 2.80 -19.94 -19.99
C ALA B 136 2.77 -18.63 -19.20
N GLU B 137 1.66 -18.40 -18.49
CA GLU B 137 1.53 -17.24 -17.60
C GLU B 137 2.53 -17.28 -16.43
N ALA B 138 2.72 -18.46 -15.86
CA ALA B 138 3.71 -18.65 -14.79
C ALA B 138 5.10 -18.31 -15.30
N ILE B 139 5.44 -18.81 -16.49
CA ILE B 139 6.73 -18.53 -17.09
C ILE B 139 6.86 -17.03 -17.29
N ASP B 140 5.77 -16.41 -17.77
CA ASP B 140 5.75 -14.96 -18.01
C ASP B 140 6.02 -14.17 -16.74
N PHE B 141 5.39 -14.58 -15.63
CA PHE B 141 5.63 -13.86 -14.38
C PHE B 141 7.10 -13.90 -14.00
N ILE B 142 7.73 -15.07 -14.14
CA ILE B 142 9.15 -15.17 -13.75
C ILE B 142 10.01 -14.29 -14.67
N GLU B 143 9.79 -14.37 -15.98
CA GLU B 143 10.58 -13.58 -16.94
C GLU B 143 10.35 -12.08 -16.72
N TYR B 144 9.11 -11.70 -16.48
CA TYR B 144 8.74 -10.30 -16.34
C TYR B 144 9.31 -9.73 -15.04
N TYR B 145 9.07 -10.41 -13.92
CA TYR B 145 9.58 -9.89 -12.63
C TYR B 145 11.11 -9.90 -12.55
N ALA B 146 11.76 -10.87 -13.18
CA ALA B 146 13.23 -10.88 -13.22
C ALA B 146 13.76 -9.55 -13.77
N ARG B 147 13.16 -9.11 -14.87
CA ARG B 147 13.54 -7.89 -15.55
C ARG B 147 13.08 -6.64 -14.79
N ALA B 148 11.82 -6.64 -14.34
CA ALA B 148 11.25 -5.49 -13.64
C ALA B 148 12.03 -5.18 -12.35
N ALA B 149 12.49 -6.21 -11.65
CA ALA B 149 13.26 -6.02 -10.41
C ALA B 149 14.51 -5.16 -10.62
N LEU B 150 15.12 -5.24 -11.81
CA LEU B 150 16.32 -4.44 -12.09
C LEU B 150 16.01 -2.94 -12.10
N ARG B 151 14.76 -2.58 -12.38
CA ARG B 151 14.35 -1.16 -12.39
C ARG B 151 14.36 -0.53 -10.98
N TYR B 152 14.44 -1.37 -9.95
CA TYR B 152 14.47 -0.92 -8.55
C TYR B 152 15.85 -0.99 -7.89
N ARG B 153 16.89 -1.37 -8.66
CA ARG B 153 18.19 -1.67 -8.06
C ARG B 153 18.93 -0.43 -7.49
N TYR B 154 19.78 -0.67 -6.50
CA TYR B 154 20.52 0.36 -5.75
C TYR B 154 21.29 1.33 -6.65
N PRO B 155 21.16 2.66 -6.40
CA PRO B 155 20.11 3.36 -5.65
C PRO B 155 19.09 3.95 -6.64
N ALA B 156 17.84 3.51 -6.58
CA ALA B 156 16.91 3.77 -7.71
C ALA B 156 16.13 5.08 -7.62
N VAL B 157 16.16 5.73 -6.47
CA VAL B 157 15.20 6.82 -6.24
C VAL B 157 15.71 8.15 -6.73
N GLU B 158 14.86 8.85 -7.49
CA GLU B 158 15.17 10.19 -7.97
C GLU B 158 14.92 11.23 -6.88
N VAL B 159 15.98 11.89 -6.44
CA VAL B 159 15.89 12.89 -5.38
C VAL B 159 16.51 14.22 -5.82
N VAL B 160 16.16 15.28 -5.09
CA VAL B 160 16.67 16.62 -5.32
C VAL B 160 18.00 16.79 -4.58
N PRO B 161 19.06 17.23 -5.29
CA PRO B 161 20.33 17.41 -4.61
C PRO B 161 20.36 18.62 -3.66
N TYR B 162 21.32 18.61 -2.76
CA TYR B 162 21.50 19.67 -1.77
C TYR B 162 23.00 19.96 -1.64
N PRO B 163 23.38 21.25 -1.56
CA PRO B 163 24.81 21.56 -1.47
C PRO B 163 25.53 20.93 -0.29
N GLY B 164 26.74 20.44 -0.55
CA GLY B 164 27.64 19.94 0.49
C GLY B 164 27.27 18.57 1.00
N GLU B 165 26.31 17.91 0.32
CA GLU B 165 25.80 16.61 0.79
C GLU B 165 25.63 15.62 -0.34
N ASP B 166 25.81 14.33 -0.03
CA ASP B 166 25.23 13.26 -0.84
C ASP B 166 23.88 12.86 -0.24
N ASN B 167 22.86 12.79 -1.09
CA ASN B 167 21.55 12.30 -0.64
C ASN B 167 21.17 11.10 -1.46
N GLU B 168 21.02 9.95 -0.80
CA GLU B 168 20.86 8.70 -1.52
C GLU B 168 19.66 7.95 -0.99
N SER B 169 18.64 7.80 -1.83
CA SER B 169 17.47 7.01 -1.46
C SER B 169 17.40 5.71 -2.26
N PHE B 170 17.00 4.63 -1.60
CA PHE B 170 17.06 3.31 -2.23
C PHE B 170 16.07 2.36 -1.58
N TYR B 171 15.71 1.31 -2.31
CA TYR B 171 14.73 0.33 -1.86
C TYR B 171 15.40 -0.85 -1.18
N VAL B 172 14.73 -1.34 -0.14
CA VAL B 172 15.11 -2.57 0.52
C VAL B 172 13.87 -3.48 0.65
N PRO B 173 14.08 -4.80 0.61
CA PRO B 173 12.95 -5.72 0.77
C PRO B 173 12.47 -5.69 2.22
N LEU B 174 11.28 -6.23 2.44
CA LEU B 174 10.58 -6.14 3.73
C LEU B 174 10.97 -7.24 4.72
N GLY B 175 11.08 -8.48 4.25
CA GLY B 175 11.38 -9.59 5.18
C GLY B 175 10.77 -10.87 4.69
N ALA B 176 10.34 -11.72 5.63
CA ALA B 176 9.68 -12.98 5.31
C ALA B 176 8.17 -12.78 5.36
N GLY B 177 7.48 -13.27 4.33
CA GLY B 177 6.05 -13.14 4.25
C GLY B 177 5.39 -14.46 3.86
N VAL B 178 4.07 -14.46 3.88
CA VAL B 178 3.32 -15.67 3.49
C VAL B 178 2.54 -15.40 2.19
N VAL B 179 2.56 -16.38 1.31
CA VAL B 179 1.78 -16.36 0.06
C VAL B 179 0.71 -17.43 0.21
N ILE B 180 -0.53 -17.02 0.02
CA ILE B 180 -1.67 -17.93 0.12
C ILE B 180 -2.43 -17.89 -1.21
N ALA B 181 -2.48 -19.04 -1.88
CA ALA B 181 -2.79 -19.12 -3.30
C ALA B 181 -4.07 -19.92 -3.58
N PRO B 182 -4.75 -19.64 -4.71
CA PRO B 182 -5.98 -20.35 -5.07
C PRO B 182 -5.71 -21.59 -5.94
N TRP B 183 -6.76 -22.40 -6.11
CA TRP B 183 -6.63 -23.63 -6.90
C TRP B 183 -6.87 -23.42 -8.38
N ASN B 184 -7.42 -22.27 -8.78
CA ASN B 184 -7.84 -22.09 -10.18
C ASN B 184 -6.73 -21.73 -11.19
N PHE B 185 -5.69 -21.05 -10.71
CA PHE B 185 -4.46 -20.87 -11.49
C PHE B 185 -3.27 -21.29 -10.64
N PRO B 186 -3.17 -22.61 -10.34
CA PRO B 186 -2.24 -23.05 -9.32
C PRO B 186 -0.80 -23.24 -9.78
N VAL B 187 -0.51 -22.94 -11.06
CA VAL B 187 0.87 -22.72 -11.46
C VAL B 187 1.11 -21.20 -11.64
N ALA B 188 0.32 -20.56 -12.49
CA ALA B 188 0.51 -19.12 -12.78
C ALA B 188 0.49 -18.22 -11.53
N ILE B 189 -0.61 -18.23 -10.77
CA ILE B 189 -0.77 -17.26 -9.66
C ILE B 189 0.14 -17.65 -8.50
N PHE B 190 0.23 -18.96 -8.25
CA PHE B 190 1.14 -19.49 -7.20
C PHE B 190 2.57 -19.01 -7.48
N THR B 191 3.01 -19.16 -8.72
CA THR B 191 4.36 -18.76 -9.10
C THR B 191 4.57 -17.26 -9.01
N GLY B 192 3.65 -16.49 -9.61
CA GLY B 192 3.74 -15.01 -9.64
C GLY B 192 3.85 -14.44 -8.24
N MET B 193 2.96 -14.89 -7.34
CA MET B 193 2.88 -14.33 -6.00
C MET B 193 4.11 -14.66 -5.16
N ILE B 194 4.79 -15.75 -5.49
CA ILE B 194 6.05 -16.11 -4.82
C ILE B 194 7.23 -15.33 -5.43
N VAL B 195 7.40 -15.42 -6.74
CA VAL B 195 8.65 -14.92 -7.33
C VAL B 195 8.75 -13.40 -7.40
N GLY B 196 7.61 -12.69 -7.44
CA GLY B 196 7.65 -11.19 -7.37
C GLY B 196 8.36 -10.70 -6.08
N PRO B 197 7.80 -11.04 -4.90
CA PRO B 197 8.46 -10.67 -3.64
C PRO B 197 9.90 -11.18 -3.53
N VAL B 198 10.12 -12.43 -3.92
CA VAL B 198 11.44 -13.05 -3.81
C VAL B 198 12.50 -12.34 -4.68
N ALA B 199 12.08 -11.90 -5.87
CA ALA B 199 13.01 -11.29 -6.83
C ALA B 199 13.73 -10.09 -6.23
N VAL B 200 13.01 -9.30 -5.43
CA VAL B 200 13.56 -8.05 -4.88
C VAL B 200 14.16 -8.23 -3.47
N GLY B 201 14.25 -9.48 -3.01
CA GLY B 201 14.99 -9.77 -1.77
C GLY B 201 14.19 -10.23 -0.58
N ASN B 202 12.88 -10.41 -0.75
CA ASN B 202 12.05 -11.02 0.30
C ASN B 202 12.19 -12.53 0.30
N THR B 203 11.73 -13.16 1.38
CA THR B 203 11.65 -14.61 1.44
C THR B 203 10.18 -14.97 1.67
N VAL B 204 9.79 -16.18 1.27
CA VAL B 204 8.37 -16.52 1.20
C VAL B 204 8.09 -17.92 1.74
N ILE B 205 6.99 -18.01 2.47
CA ILE B 205 6.37 -19.28 2.88
C ILE B 205 5.12 -19.36 2.01
N ALA B 206 5.07 -20.37 1.14
CA ALA B 206 3.97 -20.53 0.19
C ALA B 206 2.98 -21.62 0.61
N LYS B 207 1.71 -21.25 0.67
CA LYS B 207 0.62 -22.13 1.08
C LYS B 207 -0.30 -22.39 -0.13
N PRO B 208 -0.08 -23.50 -0.87
CA PRO B 208 -0.91 -23.78 -2.03
C PRO B 208 -2.33 -24.13 -1.60
N ALA B 209 -3.30 -23.93 -2.50
CA ALA B 209 -4.67 -24.35 -2.26
C ALA B 209 -4.71 -25.87 -2.12
N GLU B 210 -5.58 -26.34 -1.24
CA GLU B 210 -5.75 -27.76 -0.97
C GLU B 210 -5.99 -28.63 -2.22
N ASP B 211 -6.76 -28.09 -3.16
CA ASP B 211 -7.11 -28.80 -4.40
C ASP B 211 -5.95 -28.85 -5.44
N ALA B 212 -4.85 -28.16 -5.16
CA ALA B 212 -3.75 -28.05 -6.13
C ALA B 212 -2.37 -28.23 -5.50
N VAL B 213 -2.30 -29.05 -4.45
CA VAL B 213 -1.06 -29.30 -3.74
C VAL B 213 0.04 -30.02 -4.57
N VAL B 214 -0.37 -30.93 -5.46
CA VAL B 214 0.59 -31.70 -6.26
C VAL B 214 1.32 -30.81 -7.26
N VAL B 215 0.54 -30.02 -8.01
CA VAL B 215 1.18 -29.15 -8.99
C VAL B 215 2.02 -28.07 -8.29
N GLY B 216 1.59 -27.61 -7.12
CA GLY B 216 2.43 -26.71 -6.31
C GLY B 216 3.76 -27.33 -5.95
N ALA B 217 3.74 -28.62 -5.60
CA ALA B 217 4.97 -29.35 -5.28
C ALA B 217 5.90 -29.41 -6.47
N LYS B 218 5.34 -29.63 -7.66
CA LYS B 218 6.14 -29.69 -8.87
C LYS B 218 6.78 -28.34 -9.18
N VAL B 219 6.09 -27.23 -8.87
CA VAL B 219 6.70 -25.91 -9.00
C VAL B 219 7.90 -25.79 -8.04
N PHE B 220 7.74 -26.31 -6.82
CA PHE B 220 8.87 -26.34 -5.90
C PHE B 220 10.06 -27.21 -6.31
N GLU B 221 9.79 -28.27 -7.06
CA GLU B 221 10.87 -29.07 -7.64
C GLU B 221 11.73 -28.19 -8.55
N ILE B 222 11.06 -27.34 -9.33
CA ILE B 222 11.77 -26.40 -10.20
C ILE B 222 12.60 -25.38 -9.38
N PHE B 223 11.99 -24.81 -8.34
CA PHE B 223 12.71 -23.87 -7.46
C PHE B 223 13.95 -24.52 -6.84
N HIS B 224 13.79 -25.76 -6.40
CA HIS B 224 14.91 -26.50 -5.81
C HIS B 224 16.03 -26.74 -6.81
N GLU B 225 15.67 -27.19 -8.02
CA GLU B 225 16.67 -27.41 -9.06
C GLU B 225 17.37 -26.11 -9.46
N ALA B 226 16.62 -25.00 -9.45
CA ALA B 226 17.16 -23.68 -9.82
C ALA B 226 18.23 -23.23 -8.82
N GLY B 227 18.06 -23.64 -7.57
CA GLY B 227 19.06 -23.44 -6.54
C GLY B 227 18.81 -22.20 -5.69
N PHE B 228 17.55 -21.86 -5.44
CA PHE B 228 17.27 -20.81 -4.45
C PHE B 228 17.91 -21.22 -3.11
N PRO B 229 18.65 -20.31 -2.45
CA PRO B 229 19.28 -20.66 -1.19
C PRO B 229 18.27 -21.14 -0.17
N PRO B 230 18.71 -22.01 0.76
CA PRO B 230 17.78 -22.59 1.73
C PRO B 230 17.01 -21.51 2.50
N GLY B 231 15.70 -21.71 2.62
CA GLY B 231 14.82 -20.78 3.35
C GLY B 231 14.24 -19.64 2.51
N VAL B 232 14.75 -19.44 1.29
CA VAL B 232 14.27 -18.30 0.48
C VAL B 232 12.83 -18.54 0.00
N VAL B 233 12.54 -19.79 -0.39
CA VAL B 233 11.17 -20.22 -0.73
C VAL B 233 10.83 -21.50 0.03
N ASN B 234 9.63 -21.54 0.61
CA ASN B 234 9.22 -22.68 1.43
C ASN B 234 7.80 -23.10 1.03
N PHE B 235 7.55 -24.41 1.03
CA PHE B 235 6.33 -25.00 0.52
C PHE B 235 5.58 -25.66 1.66
N LEU B 236 4.41 -25.14 2.00
CA LEU B 236 3.60 -25.60 3.15
C LEU B 236 2.17 -25.92 2.75
N PRO B 237 1.96 -27.02 1.98
CA PRO B 237 0.59 -27.46 1.77
C PRO B 237 -0.07 -27.76 3.11
N GLY B 238 -1.36 -27.45 3.22
CA GLY B 238 -2.08 -27.54 4.49
C GLY B 238 -3.40 -26.81 4.41
N VAL B 239 -4.12 -26.80 5.53
CA VAL B 239 -5.49 -26.31 5.54
C VAL B 239 -5.47 -24.80 5.74
N GLY B 240 -6.17 -24.09 4.86
CA GLY B 240 -6.19 -22.62 4.85
C GLY B 240 -6.54 -22.02 6.20
N GLU B 241 -7.66 -22.44 6.76
CA GLU B 241 -8.10 -21.90 8.06
C GLU B 241 -7.24 -22.35 9.24
N GLU B 242 -6.34 -23.29 9.01
CA GLU B 242 -5.38 -23.71 10.05
C GLU B 242 -4.04 -23.03 9.85
N VAL B 243 -3.18 -23.64 9.05
CA VAL B 243 -1.83 -23.12 8.85
C VAL B 243 -1.80 -21.75 8.16
N GLY B 244 -2.73 -21.53 7.22
CA GLY B 244 -2.87 -20.24 6.53
C GLY B 244 -3.18 -19.11 7.49
N ALA B 245 -4.25 -19.29 8.28
CA ALA B 245 -4.64 -18.30 9.29
C ALA B 245 -3.54 -18.08 10.34
N TYR B 246 -2.88 -19.16 10.75
CA TYR B 246 -1.80 -19.08 11.75
C TYR B 246 -0.69 -18.12 11.29
N LEU B 247 -0.31 -18.25 10.02
CA LEU B 247 0.71 -17.37 9.44
C LEU B 247 0.22 -15.93 9.25
N VAL B 248 -1.00 -15.77 8.73
CA VAL B 248 -1.61 -14.44 8.61
C VAL B 248 -1.60 -13.68 9.95
N GLU B 249 -1.92 -14.38 11.04
CA GLU B 249 -2.06 -13.76 12.36
C GLU B 249 -0.73 -13.62 13.13
N HIS B 250 0.34 -14.21 12.60
CA HIS B 250 1.60 -14.32 13.33
C HIS B 250 2.28 -12.95 13.49
N PRO B 251 2.83 -12.66 14.68
CA PRO B 251 3.54 -11.37 14.84
C PRO B 251 4.81 -11.25 14.01
N ARG B 252 5.38 -12.38 13.57
CA ARG B 252 6.63 -12.36 12.80
C ARG B 252 6.44 -12.51 11.28
N ILE B 253 5.20 -12.43 10.80
CA ILE B 253 4.95 -12.42 9.35
C ILE B 253 4.91 -10.95 8.90
N ARG B 254 5.76 -10.60 7.95
CA ARG B 254 5.96 -9.19 7.57
C ARG B 254 4.93 -8.70 6.54
N PHE B 255 4.54 -9.59 5.63
CA PHE B 255 3.53 -9.29 4.61
C PHE B 255 2.76 -10.54 4.25
N ILE B 256 1.58 -10.32 3.67
CA ILE B 256 0.70 -11.40 3.20
C ILE B 256 0.34 -11.10 1.77
N ASN B 257 0.58 -12.07 0.89
CA ASN B 257 0.19 -11.96 -0.52
C ASN B 257 -0.87 -13.02 -0.75
N PHE B 258 -2.12 -12.58 -0.92
CA PHE B 258 -3.27 -13.48 -1.01
C PHE B 258 -4.04 -13.29 -2.30
N THR B 259 -4.40 -14.39 -2.94
CA THR B 259 -5.38 -14.38 -4.00
C THR B 259 -6.41 -15.48 -3.72
N GLY B 260 -7.69 -15.12 -3.73
CA GLY B 260 -8.72 -16.09 -3.37
C GLY B 260 -10.06 -15.44 -3.23
N SER B 261 -10.96 -16.06 -2.47
CA SER B 261 -12.34 -15.56 -2.32
C SER B 261 -12.39 -14.27 -1.50
N LEU B 262 -13.42 -13.48 -1.77
CA LEU B 262 -13.71 -12.30 -0.95
C LEU B 262 -13.89 -12.66 0.53
N GLU B 263 -14.65 -13.72 0.81
CA GLU B 263 -14.89 -14.15 2.19
C GLU B 263 -13.59 -14.25 2.98
N VAL B 264 -12.62 -14.95 2.39
CA VAL B 264 -11.34 -15.16 3.04
C VAL B 264 -10.50 -13.86 3.01
N GLY B 265 -10.49 -13.16 1.87
CA GLY B 265 -9.76 -11.89 1.74
C GLY B 265 -10.14 -10.87 2.80
N LEU B 266 -11.44 -10.79 3.11
CA LEU B 266 -11.93 -9.89 4.15
C LEU B 266 -11.34 -10.24 5.52
N LYS B 267 -11.28 -11.54 5.87
CA LYS B 267 -10.72 -11.97 7.14
C LYS B 267 -9.23 -11.67 7.20
N ILE B 268 -8.54 -11.92 6.09
CA ILE B 268 -7.10 -11.69 6.03
C ILE B 268 -6.78 -10.20 6.17
N TYR B 269 -7.50 -9.35 5.44
CA TYR B 269 -7.22 -7.92 5.51
C TYR B 269 -7.50 -7.38 6.92
N GLU B 270 -8.57 -7.89 7.55
CA GLU B 270 -8.89 -7.45 8.90
C GLU B 270 -7.79 -7.87 9.88
N ALA B 271 -7.38 -9.14 9.79
CA ALA B 271 -6.34 -9.67 10.68
C ALA B 271 -5.02 -8.93 10.48
N ALA B 272 -4.73 -8.57 9.24
CA ALA B 272 -3.49 -7.90 8.89
C ALA B 272 -3.39 -6.52 9.55
N GLY B 273 -4.55 -5.90 9.78
CA GLY B 273 -4.62 -4.57 10.39
C GLY B 273 -4.37 -4.56 11.89
N ARG B 274 -4.34 -5.75 12.50
CA ARG B 274 -4.09 -5.90 13.94
C ARG B 274 -2.63 -6.08 14.32
N LEU B 275 -2.26 -5.49 15.45
CA LEU B 275 -0.92 -5.69 15.99
C LEU B 275 -0.94 -6.93 16.87
N ALA B 276 -0.38 -8.03 16.35
CA ALA B 276 -0.26 -9.27 17.14
C ALA B 276 0.69 -9.04 18.33
N PRO B 277 0.48 -9.76 19.44
CA PRO B 277 1.34 -9.54 20.59
C PRO B 277 2.82 -9.67 20.22
N GLY B 278 3.59 -8.60 20.48
CA GLY B 278 5.01 -8.60 20.21
C GLY B 278 5.42 -8.19 18.80
N GLN B 279 4.44 -7.95 17.94
CA GLN B 279 4.68 -7.56 16.54
C GLN B 279 5.31 -6.16 16.50
N THR B 280 6.26 -5.94 15.59
CA THR B 280 7.01 -4.68 15.57
C THR B 280 6.94 -3.93 14.23
N TRP B 281 5.86 -4.16 13.49
CA TRP B 281 5.60 -3.46 12.24
C TRP B 281 4.12 -3.42 11.91
N PHE B 282 3.78 -2.58 10.94
CA PHE B 282 2.46 -2.55 10.34
C PHE B 282 2.50 -3.54 9.17
N LYS B 283 1.73 -4.63 9.28
CA LYS B 283 1.72 -5.65 8.21
C LYS B 283 1.16 -5.08 6.92
N ARG B 284 1.78 -5.49 5.82
CA ARG B 284 1.20 -5.24 4.50
C ARG B 284 0.44 -6.46 4.04
N ALA B 285 -0.78 -6.26 3.57
CA ALA B 285 -1.57 -7.35 3.03
C ALA B 285 -2.12 -6.96 1.68
N TYR B 286 -1.84 -7.82 0.71
CA TYR B 286 -2.42 -7.64 -0.61
C TYR B 286 -3.42 -8.75 -0.81
N VAL B 287 -4.67 -8.37 -1.09
CA VAL B 287 -5.73 -9.38 -1.23
C VAL B 287 -6.39 -9.18 -2.57
N GLU B 288 -6.28 -10.17 -3.43
CA GLU B 288 -6.88 -10.05 -4.74
C GLU B 288 -7.99 -11.07 -4.81
N THR B 289 -9.21 -10.55 -4.93
CA THR B 289 -10.40 -11.31 -4.56
C THR B 289 -11.28 -11.50 -5.81
N GLY B 290 -12.55 -11.75 -5.63
CA GLY B 290 -13.34 -12.20 -6.79
C GLY B 290 -13.86 -11.11 -7.71
N GLY B 291 -14.71 -11.51 -8.65
CA GLY B 291 -15.42 -10.52 -9.46
C GLY B 291 -16.82 -10.99 -9.74
N LYS B 292 -17.65 -10.08 -10.25
CA LYS B 292 -18.93 -10.44 -10.86
C LYS B 292 -18.90 -9.71 -12.20
N ASP B 293 -18.15 -10.29 -13.12
CA ASP B 293 -17.75 -9.54 -14.34
C ASP B 293 -18.81 -9.57 -15.44
N ALA B 294 -19.04 -8.41 -16.06
CA ALA B 294 -20.04 -8.29 -17.12
C ALA B 294 -19.40 -8.02 -18.47
N ILE B 295 -20.06 -8.52 -19.52
CA ILE B 295 -19.83 -8.03 -20.88
C ILE B 295 -21.10 -7.30 -21.31
N ILE B 296 -20.94 -6.06 -21.75
CA ILE B 296 -22.02 -5.29 -22.34
C ILE B 296 -21.98 -5.45 -23.85
N VAL B 297 -23.13 -5.72 -24.48
CA VAL B 297 -23.20 -5.66 -25.95
C VAL B 297 -24.31 -4.69 -26.38
N ASP B 298 -23.99 -3.76 -27.28
CA ASP B 298 -25.02 -2.84 -27.80
C ASP B 298 -25.39 -3.17 -29.24
N GLU B 299 -26.36 -2.47 -29.79
CA GLU B 299 -26.92 -2.88 -31.08
C GLU B 299 -26.01 -2.58 -32.28
N THR B 300 -24.87 -1.94 -32.03
CA THR B 300 -23.90 -1.60 -33.09
C THR B 300 -22.81 -2.66 -33.24
N ALA B 301 -22.80 -3.63 -32.32
CA ALA B 301 -21.73 -4.62 -32.27
C ALA B 301 -21.75 -5.62 -33.41
N ASP B 302 -20.62 -6.28 -33.62
CA ASP B 302 -20.58 -7.48 -34.44
C ASP B 302 -21.13 -8.61 -33.56
N PHE B 303 -22.36 -9.04 -33.82
CA PHE B 303 -23.04 -9.97 -32.90
C PHE B 303 -22.40 -11.37 -32.85
N ASP B 304 -21.88 -11.82 -33.99
CA ASP B 304 -21.18 -13.10 -34.04
C ASP B 304 -19.88 -13.05 -33.26
N LEU B 305 -19.14 -11.96 -33.42
CA LEU B 305 -17.90 -11.76 -32.64
C LEU B 305 -18.21 -11.70 -31.15
N ALA B 306 -19.25 -10.95 -30.80
CA ALA B 306 -19.66 -10.82 -29.40
C ALA B 306 -20.04 -12.18 -28.80
N ALA B 307 -20.85 -12.94 -29.53
CA ALA B 307 -21.29 -14.25 -29.05
C ALA B 307 -20.10 -15.18 -28.77
N GLU B 308 -19.11 -15.17 -29.68
CA GLU B 308 -17.94 -16.02 -29.50
C GLU B 308 -17.16 -15.58 -28.24
N GLY B 309 -16.94 -14.28 -28.11
CA GLY B 309 -16.17 -13.76 -26.95
C GLY B 309 -16.88 -14.01 -25.61
N VAL B 310 -18.20 -13.92 -25.63
CA VAL B 310 -19.01 -14.14 -24.42
C VAL B 310 -18.89 -15.60 -23.98
N VAL B 311 -19.02 -16.52 -24.93
CA VAL B 311 -18.92 -17.95 -24.64
C VAL B 311 -17.53 -18.36 -24.13
N VAL B 312 -16.49 -17.87 -24.79
CA VAL B 312 -15.12 -18.05 -24.29
C VAL B 312 -14.97 -17.51 -22.86
N SER B 313 -15.43 -16.28 -22.63
CA SER B 313 -15.26 -15.62 -21.33
C SER B 313 -16.08 -16.28 -20.23
N ALA B 314 -17.28 -16.74 -20.59
CA ALA B 314 -18.21 -17.30 -19.58
C ALA B 314 -17.85 -18.72 -19.20
N TYR B 315 -17.42 -19.50 -20.20
CA TYR B 315 -17.28 -20.95 -19.99
C TYR B 315 -15.86 -21.51 -20.04
N GLY B 316 -14.87 -20.67 -20.38
CA GLY B 316 -13.45 -21.08 -20.27
C GLY B 316 -13.12 -21.54 -18.85
N PHE B 317 -12.44 -22.69 -18.75
CA PHE B 317 -12.21 -23.36 -17.44
C PHE B 317 -13.48 -23.40 -16.58
N GLN B 318 -14.59 -23.72 -17.23
CA GLN B 318 -15.88 -23.95 -16.55
C GLN B 318 -16.34 -22.73 -15.77
N GLY B 319 -15.95 -21.53 -16.20
CA GLY B 319 -16.27 -20.30 -15.45
C GLY B 319 -15.57 -20.10 -14.11
N GLN B 320 -14.56 -20.91 -13.81
CA GLN B 320 -13.86 -20.84 -12.52
C GLN B 320 -12.68 -19.86 -12.65
N LYS B 321 -13.00 -18.64 -13.05
CA LYS B 321 -12.00 -17.59 -13.17
C LYS B 321 -12.53 -16.32 -12.52
N CYS B 322 -11.64 -15.60 -11.83
CA CYS B 322 -12.03 -14.33 -11.25
C CYS B 322 -12.41 -13.33 -12.35
N SER B 323 -11.91 -13.59 -13.56
CA SER B 323 -12.16 -12.76 -14.75
C SER B 323 -13.35 -13.20 -15.60
N ALA B 324 -13.97 -14.33 -15.26
CA ALA B 324 -15.01 -14.93 -16.11
C ALA B 324 -16.23 -14.02 -16.30
N ALA B 325 -16.78 -13.99 -17.52
CA ALA B 325 -18.01 -13.21 -17.74
C ALA B 325 -19.14 -14.00 -17.09
N SER B 326 -19.70 -13.48 -16.01
CA SER B 326 -20.85 -14.13 -15.34
C SER B 326 -22.14 -13.33 -15.56
N ARG B 327 -22.00 -12.14 -16.13
CA ARG B 327 -23.15 -11.32 -16.50
C ARG B 327 -23.01 -10.93 -17.97
N LEU B 328 -24.13 -11.01 -18.68
CA LEU B 328 -24.20 -10.56 -20.07
C LEU B 328 -25.27 -9.47 -20.13
N ILE B 329 -24.84 -8.23 -20.35
CA ILE B 329 -25.75 -7.09 -20.29
C ILE B 329 -26.04 -6.64 -21.73
N LEU B 330 -27.30 -6.77 -22.15
CA LEU B 330 -27.66 -6.52 -23.53
C LEU B 330 -28.65 -5.36 -23.64
N THR B 331 -28.32 -4.38 -24.48
CA THR B 331 -29.27 -3.31 -24.77
C THR B 331 -30.42 -3.90 -25.60
N GLN B 332 -31.54 -3.18 -25.66
CA GLN B 332 -32.73 -3.73 -26.31
C GLN B 332 -32.52 -4.20 -27.76
N GLY B 333 -31.79 -3.40 -28.55
CA GLY B 333 -31.49 -3.76 -29.93
C GLY B 333 -30.57 -4.96 -30.08
N ALA B 334 -29.76 -5.21 -29.05
CA ALA B 334 -28.79 -6.31 -29.07
C ALA B 334 -29.37 -7.60 -28.49
N TYR B 335 -30.45 -7.49 -27.74
CA TYR B 335 -30.92 -8.61 -26.92
C TYR B 335 -31.16 -9.93 -27.66
N GLU B 336 -32.15 -9.96 -28.57
CA GLU B 336 -32.48 -11.19 -29.27
C GLU B 336 -31.34 -11.70 -30.17
N PRO B 337 -30.73 -10.81 -30.99
CA PRO B 337 -29.65 -11.31 -31.87
C PRO B 337 -28.47 -11.89 -31.11
N VAL B 338 -28.07 -11.27 -30.00
CA VAL B 338 -26.92 -11.77 -29.25
C VAL B 338 -27.29 -13.02 -28.44
N LEU B 339 -28.43 -12.99 -27.76
CA LEU B 339 -28.84 -14.14 -26.97
C LEU B 339 -28.99 -15.41 -27.82
N GLU B 340 -29.60 -15.28 -28.99
CA GLU B 340 -29.80 -16.43 -29.88
C GLU B 340 -28.45 -17.05 -30.27
N ARG B 341 -27.48 -16.20 -30.59
CA ARG B 341 -26.14 -16.63 -31.00
C ARG B 341 -25.35 -17.26 -29.84
N VAL B 342 -25.47 -16.66 -28.65
CA VAL B 342 -24.85 -17.21 -27.44
C VAL B 342 -25.44 -18.59 -27.13
N LEU B 343 -26.76 -18.71 -27.21
CA LEU B 343 -27.39 -20.02 -26.97
C LEU B 343 -26.95 -21.09 -27.96
N LYS B 344 -26.93 -20.75 -29.24
CA LYS B 344 -26.52 -21.66 -30.32
C LYS B 344 -25.09 -22.15 -30.11
N ARG B 345 -24.20 -21.24 -29.74
CA ARG B 345 -22.79 -21.61 -29.50
C ARG B 345 -22.64 -22.42 -28.22
N ALA B 346 -23.30 -21.98 -27.14
CA ALA B 346 -23.13 -22.62 -25.84
C ALA B 346 -23.69 -24.05 -25.87
N GLU B 347 -24.77 -24.26 -26.62
CA GLU B 347 -25.38 -25.59 -26.66
C GLU B 347 -24.52 -26.63 -27.40
N ARG B 348 -23.54 -26.13 -28.18
CA ARG B 348 -22.59 -26.99 -28.89
C ARG B 348 -21.32 -27.34 -28.10
N LEU B 349 -21.19 -26.79 -26.89
CA LEU B 349 -19.98 -27.03 -26.08
C LEU B 349 -19.98 -28.43 -25.49
N SER B 350 -18.84 -29.10 -25.60
CA SER B 350 -18.67 -30.43 -25.03
C SER B 350 -18.23 -30.36 -23.56
N VAL B 351 -18.67 -31.35 -22.77
CA VAL B 351 -18.29 -31.43 -21.37
C VAL B 351 -17.87 -32.85 -21.09
N GLY B 352 -16.69 -33.01 -20.48
CA GLY B 352 -16.25 -34.35 -20.09
C GLY B 352 -14.90 -34.36 -19.44
N PRO B 353 -14.27 -35.56 -19.32
CA PRO B 353 -12.95 -35.68 -18.70
C PRO B 353 -11.97 -34.70 -19.36
N ALA B 354 -11.29 -33.91 -18.53
CA ALA B 354 -10.39 -32.85 -19.03
C ALA B 354 -9.33 -33.33 -20.01
N GLU B 355 -8.80 -34.53 -19.77
CA GLU B 355 -7.73 -35.08 -20.61
C GLU B 355 -8.12 -35.29 -22.07
N GLU B 356 -9.42 -35.37 -22.34
CA GLU B 356 -9.92 -35.49 -23.71
C GLU B 356 -10.04 -34.14 -24.43
N ASN B 357 -9.55 -33.08 -23.77
CA ASN B 357 -9.64 -31.72 -24.31
C ASN B 357 -11.06 -31.30 -24.73
N PRO B 358 -12.02 -31.42 -23.80
CA PRO B 358 -13.36 -30.96 -24.07
C PRO B 358 -13.37 -29.45 -23.98
N ASP B 359 -14.47 -28.82 -24.43
CA ASP B 359 -14.66 -27.39 -24.20
C ASP B 359 -14.69 -27.09 -22.70
N LEU B 360 -15.39 -27.94 -21.93
CA LEU B 360 -15.41 -27.86 -20.47
C LEU B 360 -15.02 -29.17 -19.83
N GLY B 361 -14.10 -29.11 -18.87
CA GLY B 361 -13.90 -30.23 -17.94
C GLY B 361 -14.89 -30.16 -16.78
N PRO B 362 -14.56 -30.83 -15.66
CA PRO B 362 -15.42 -30.78 -14.47
C PRO B 362 -15.09 -29.54 -13.64
N VAL B 363 -16.00 -29.16 -12.74
CA VAL B 363 -15.61 -28.22 -11.69
C VAL B 363 -14.65 -28.96 -10.74
N VAL B 364 -13.97 -28.22 -9.87
CA VAL B 364 -12.76 -28.74 -9.27
C VAL B 364 -12.95 -29.77 -8.13
N SER B 365 -14.12 -29.75 -7.50
CA SER B 365 -14.34 -30.54 -6.29
C SER B 365 -15.81 -30.75 -6.01
N ALA B 366 -16.08 -31.71 -5.13
CA ALA B 366 -17.45 -31.95 -4.67
C ALA B 366 -18.01 -30.69 -4.02
N GLU B 367 -17.18 -29.97 -3.27
CA GLU B 367 -17.63 -28.72 -2.65
C GLU B 367 -18.02 -27.67 -3.70
N GLN B 368 -17.20 -27.52 -4.73
CA GLN B 368 -17.54 -26.58 -5.81
C GLN B 368 -18.81 -27.01 -6.54
N GLU B 369 -18.95 -28.31 -6.78
CA GLU B 369 -20.14 -28.82 -7.44
C GLU B 369 -21.39 -28.43 -6.63
N ARG B 370 -21.32 -28.68 -5.32
CA ARG B 370 -22.42 -28.35 -4.40
C ARG B 370 -22.75 -26.85 -4.44
N LYS B 371 -21.72 -26.00 -4.46
CA LYS B 371 -21.91 -24.55 -4.49
C LYS B 371 -22.60 -24.11 -5.79
N VAL B 372 -22.09 -24.58 -6.93
CA VAL B 372 -22.63 -24.21 -8.23
C VAL B 372 -24.06 -24.72 -8.40
N LEU B 373 -24.30 -25.96 -8.00
CA LEU B 373 -25.66 -26.51 -8.07
C LEU B 373 -26.63 -25.73 -7.18
N SER B 374 -26.17 -25.32 -5.99
CA SER B 374 -27.00 -24.50 -5.08
C SER B 374 -27.36 -23.16 -5.71
N TYR B 375 -26.39 -22.53 -6.38
CA TYR B 375 -26.67 -21.29 -7.09
C TYR B 375 -27.62 -21.47 -8.27
N ILE B 376 -27.57 -22.63 -8.92
CA ILE B 376 -28.51 -22.94 -9.99
C ILE B 376 -29.94 -22.99 -9.41
N GLU B 377 -30.07 -23.61 -8.25
CA GLU B 377 -31.38 -23.63 -7.55
C GLU B 377 -31.89 -22.23 -7.23
N ILE B 378 -31.02 -21.39 -6.68
CA ILE B 378 -31.36 -19.98 -6.39
C ILE B 378 -31.77 -19.25 -7.68
N GLY B 379 -30.99 -19.45 -8.74
CA GLY B 379 -31.27 -18.83 -10.04
C GLY B 379 -32.62 -19.20 -10.60
N LYS B 380 -33.05 -20.44 -10.40
CA LYS B 380 -34.36 -20.87 -10.89
C LYS B 380 -35.49 -20.06 -10.26
N ASN B 381 -35.24 -19.52 -9.07
CA ASN B 381 -36.21 -18.68 -8.36
C ASN B 381 -36.14 -17.20 -8.77
N GLU B 382 -35.03 -16.81 -9.41
CA GLU B 382 -34.75 -15.40 -9.67
C GLU B 382 -34.88 -15.00 -11.13
N GLY B 383 -34.43 -15.89 -12.03
CA GLY B 383 -34.53 -15.66 -13.45
C GLY B 383 -35.16 -16.83 -14.16
N GLN B 384 -35.00 -16.88 -15.48
CA GLN B 384 -35.50 -17.98 -16.29
C GLN B 384 -34.37 -18.86 -16.79
N LEU B 385 -34.37 -20.14 -16.40
CA LEU B 385 -33.39 -21.08 -16.94
C LEU B 385 -33.68 -21.37 -18.41
N VAL B 386 -32.71 -21.13 -19.29
CA VAL B 386 -32.90 -21.40 -20.73
C VAL B 386 -31.89 -22.36 -21.37
N LEU B 387 -30.83 -22.68 -20.63
CA LEU B 387 -29.86 -23.66 -21.07
C LEU B 387 -29.16 -24.32 -19.88
N GLY B 388 -28.98 -25.64 -19.97
CA GLY B 388 -28.19 -26.38 -18.98
C GLY B 388 -28.83 -26.43 -17.61
N GLY B 389 -28.05 -26.11 -16.59
CA GLY B 389 -28.53 -26.11 -15.21
C GLY B 389 -28.60 -27.48 -14.56
N LYS B 390 -27.86 -28.44 -15.13
CA LYS B 390 -27.83 -29.83 -14.64
C LYS B 390 -26.41 -30.36 -14.48
N ARG B 391 -26.25 -31.25 -13.50
CA ARG B 391 -25.09 -32.12 -13.42
C ARG B 391 -25.19 -33.09 -14.58
N LEU B 392 -24.04 -33.49 -15.13
CA LEU B 392 -24.00 -34.47 -16.21
C LEU B 392 -23.47 -35.79 -15.70
N GLU B 393 -23.79 -36.87 -16.42
CA GLU B 393 -23.50 -38.21 -15.95
C GLU B 393 -22.02 -38.51 -15.73
N GLY B 394 -21.71 -39.20 -14.65
CA GLY B 394 -20.35 -39.68 -14.38
C GLY B 394 -19.93 -39.24 -12.99
N GLU B 395 -18.91 -39.90 -12.45
CA GLU B 395 -18.40 -39.59 -11.13
C GLU B 395 -17.78 -38.18 -11.11
N GLY B 396 -17.13 -37.82 -12.22
CA GLY B 396 -16.55 -36.46 -12.37
C GLY B 396 -17.57 -35.35 -12.17
N TYR B 397 -17.10 -34.18 -11.73
CA TYR B 397 -18.00 -33.08 -11.37
C TYR B 397 -18.41 -32.23 -12.58
N PHE B 398 -19.06 -32.90 -13.54
CA PHE B 398 -19.44 -32.30 -14.82
C PHE B 398 -20.74 -31.52 -14.68
N ILE B 399 -20.67 -30.23 -15.00
CA ILE B 399 -21.84 -29.37 -14.98
C ILE B 399 -22.01 -28.73 -16.36
N ALA B 400 -23.24 -28.77 -16.86
CA ALA B 400 -23.55 -28.21 -18.18
C ALA B 400 -23.46 -26.69 -18.19
N PRO B 401 -22.97 -26.11 -19.32
CA PRO B 401 -23.02 -24.66 -19.52
C PRO B 401 -24.44 -24.17 -19.30
N THR B 402 -24.58 -23.19 -18.41
CA THR B 402 -25.88 -22.74 -17.94
C THR B 402 -26.10 -21.26 -18.29
N VAL B 403 -27.32 -20.95 -18.74
CA VAL B 403 -27.77 -19.59 -19.03
C VAL B 403 -29.11 -19.31 -18.36
N PHE B 404 -29.15 -18.23 -17.57
CA PHE B 404 -30.39 -17.65 -17.04
C PHE B 404 -30.65 -16.32 -17.75
N THR B 405 -31.91 -16.09 -18.13
CA THR B 405 -32.33 -14.83 -18.73
C THR B 405 -33.34 -14.16 -17.81
N GLU B 406 -33.72 -12.93 -18.15
CA GLU B 406 -34.70 -12.15 -17.35
C GLU B 406 -34.24 -12.05 -15.88
N VAL B 407 -32.94 -11.86 -15.71
CA VAL B 407 -32.34 -11.80 -14.40
C VAL B 407 -32.37 -10.35 -13.92
N PRO B 408 -33.01 -10.09 -12.77
CA PRO B 408 -33.00 -8.76 -12.17
C PRO B 408 -31.57 -8.41 -11.75
N PRO B 409 -31.12 -7.17 -12.03
CA PRO B 409 -29.73 -6.76 -11.68
C PRO B 409 -29.35 -6.98 -10.22
N LYS B 410 -30.33 -6.91 -9.31
CA LYS B 410 -30.06 -7.09 -7.88
C LYS B 410 -30.29 -8.53 -7.40
N ALA B 411 -30.60 -9.44 -8.33
CA ALA B 411 -30.71 -10.87 -7.99
C ALA B 411 -29.40 -11.42 -7.44
N ARG B 412 -29.49 -12.40 -6.55
CA ARG B 412 -28.30 -13.01 -5.99
C ARG B 412 -27.38 -13.56 -7.10
N ILE B 413 -27.97 -14.17 -8.13
CA ILE B 413 -27.14 -14.70 -9.24
C ILE B 413 -26.56 -13.59 -10.13
N ALA B 414 -27.07 -12.37 -9.96
CA ALA B 414 -26.50 -11.19 -10.66
C ALA B 414 -25.51 -10.40 -9.80
N GLN B 415 -25.33 -10.80 -8.55
CA GLN B 415 -24.50 -10.05 -7.60
C GLN B 415 -23.38 -10.89 -7.00
N GLU B 416 -23.64 -12.18 -6.78
CA GLU B 416 -22.72 -13.05 -6.06
C GLU B 416 -21.89 -13.89 -6.99
N GLU B 417 -20.62 -14.07 -6.62
CA GLU B 417 -19.69 -14.86 -7.44
C GLU B 417 -19.98 -16.38 -7.32
N ILE B 418 -20.48 -16.96 -8.41
CA ILE B 418 -20.86 -18.37 -8.45
C ILE B 418 -19.63 -19.26 -8.76
N PHE B 419 -18.76 -18.74 -9.62
CA PHE B 419 -17.50 -19.42 -9.94
C PHE B 419 -17.75 -20.77 -10.60
N GLY B 420 -18.73 -20.82 -11.50
CA GLY B 420 -19.06 -22.02 -12.26
C GLY B 420 -19.59 -21.59 -13.61
N PRO B 421 -19.97 -22.56 -14.47
CA PRO B 421 -20.39 -22.24 -15.83
C PRO B 421 -21.83 -21.74 -15.88
N VAL B 422 -22.06 -20.59 -15.25
CA VAL B 422 -23.39 -20.03 -15.10
C VAL B 422 -23.38 -18.57 -15.53
N LEU B 423 -24.06 -18.29 -16.64
CA LEU B 423 -24.16 -16.93 -17.19
C LEU B 423 -25.54 -16.33 -16.93
N SER B 424 -25.57 -15.11 -16.39
CA SER B 424 -26.82 -14.39 -16.12
C SER B 424 -27.00 -13.29 -17.16
N VAL B 425 -28.13 -13.32 -17.86
CA VAL B 425 -28.39 -12.38 -18.95
C VAL B 425 -29.36 -11.31 -18.47
N ILE B 426 -28.96 -10.04 -18.64
CA ILE B 426 -29.71 -8.90 -18.14
C ILE B 426 -30.06 -7.97 -19.31
N ARG B 427 -31.35 -7.68 -19.48
CA ARG B 427 -31.78 -6.81 -20.56
C ARG B 427 -31.84 -5.37 -20.04
N VAL B 428 -31.26 -4.44 -20.79
CA VAL B 428 -31.33 -3.02 -20.41
C VAL B 428 -31.79 -2.15 -21.57
N LYS B 429 -32.16 -0.91 -21.27
CA LYS B 429 -32.76 -0.01 -22.27
C LYS B 429 -31.74 0.48 -23.29
N ASP B 430 -30.60 0.97 -22.79
CA ASP B 430 -29.60 1.62 -23.61
C ASP B 430 -28.23 1.49 -22.98
N PHE B 431 -27.24 2.10 -23.62
CA PHE B 431 -25.86 2.01 -23.12
C PHE B 431 -25.67 2.62 -21.73
N ALA B 432 -26.30 3.77 -21.47
CA ALA B 432 -26.20 4.40 -20.15
C ALA B 432 -26.65 3.43 -19.06
N GLU B 433 -27.78 2.76 -19.30
CA GLU B 433 -28.31 1.83 -18.32
C GLU B 433 -27.43 0.60 -18.22
N ALA B 434 -26.86 0.17 -19.34
CA ALA B 434 -25.89 -0.94 -19.34
C ALA B 434 -24.75 -0.64 -18.41
N LEU B 435 -24.20 0.59 -18.48
CA LEU B 435 -23.10 0.98 -17.60
C LEU B 435 -23.54 1.03 -16.12
N GLU B 436 -24.74 1.54 -15.87
CA GLU B 436 -25.27 1.58 -14.51
C GLU B 436 -25.35 0.16 -13.93
N VAL B 437 -25.91 -0.76 -14.70
CA VAL B 437 -26.03 -2.17 -14.26
C VAL B 437 -24.65 -2.81 -14.11
N ALA B 438 -23.76 -2.52 -15.05
CA ALA B 438 -22.39 -3.05 -14.98
C ALA B 438 -21.70 -2.64 -13.67
N ASN B 439 -21.86 -1.38 -13.29
CA ASN B 439 -21.16 -0.81 -12.13
C ASN B 439 -21.77 -1.18 -10.79
N ASP B 440 -23.05 -1.56 -10.81
CA ASP B 440 -23.79 -1.79 -9.57
C ASP B 440 -23.65 -3.21 -9.06
N THR B 441 -22.41 -3.54 -8.67
CA THR B 441 -22.09 -4.72 -7.89
C THR B 441 -21.03 -4.28 -6.87
N PRO B 442 -20.74 -5.12 -5.86
CA PRO B 442 -19.64 -4.78 -4.94
C PRO B 442 -18.24 -4.96 -5.54
N TYR B 443 -18.18 -5.48 -6.77
CA TYR B 443 -16.92 -5.92 -7.34
C TYR B 443 -16.45 -4.95 -8.43
N GLY B 444 -15.26 -5.20 -8.98
CA GLY B 444 -14.73 -4.31 -10.02
C GLY B 444 -13.48 -4.85 -10.68
N LEU B 445 -13.52 -6.11 -11.12
CA LEU B 445 -12.32 -6.81 -11.60
C LEU B 445 -12.19 -6.71 -13.12
N THR B 446 -12.98 -7.48 -13.86
CA THR B 446 -12.98 -7.39 -15.32
C THR B 446 -14.33 -6.98 -15.92
N GLY B 447 -14.26 -6.50 -17.15
CA GLY B 447 -15.43 -6.09 -17.87
C GLY B 447 -15.12 -6.03 -19.33
N GLY B 448 -16.17 -6.09 -20.14
CA GLY B 448 -15.99 -5.98 -21.58
C GLY B 448 -17.14 -5.25 -22.24
N VAL B 449 -16.85 -4.68 -23.40
CA VAL B 449 -17.88 -4.03 -24.22
C VAL B 449 -17.70 -4.48 -25.66
N TYR B 450 -18.76 -5.01 -26.26
CA TYR B 450 -18.80 -5.18 -27.71
C TYR B 450 -19.68 -4.08 -28.30
N SER B 451 -19.06 -3.29 -29.18
CA SER B 451 -19.71 -2.12 -29.79
C SER B 451 -18.80 -1.62 -30.91
N ARG B 452 -19.40 -1.09 -31.98
CA ARG B 452 -18.64 -0.35 -32.98
C ARG B 452 -18.68 1.15 -32.73
N LYS B 453 -19.51 1.60 -31.79
CA LYS B 453 -19.68 3.03 -31.60
C LYS B 453 -18.56 3.61 -30.75
N ARG B 454 -17.72 4.45 -31.36
CA ARG B 454 -16.54 5.00 -30.66
C ARG B 454 -16.88 5.66 -29.32
N GLU B 455 -17.97 6.42 -29.32
CA GLU B 455 -18.36 7.19 -28.16
C GLU B 455 -18.77 6.29 -27.00
N HIS B 456 -19.33 5.13 -27.31
CA HIS B 456 -19.69 4.14 -26.29
C HIS B 456 -18.43 3.50 -25.71
N LEU B 457 -17.50 3.12 -26.58
CA LEU B 457 -16.24 2.56 -26.12
C LEU B 457 -15.50 3.55 -25.22
N GLU B 458 -15.39 4.80 -25.67
CA GLU B 458 -14.60 5.76 -24.90
C GLU B 458 -15.29 6.18 -23.59
N TRP B 459 -16.63 6.20 -23.61
CA TRP B 459 -17.42 6.38 -22.40
C TRP B 459 -17.14 5.26 -21.40
N ALA B 460 -17.08 4.00 -21.87
CA ALA B 460 -16.78 2.87 -20.99
C ALA B 460 -15.35 2.97 -20.45
N ARG B 461 -14.42 3.41 -21.29
CA ARG B 461 -13.03 3.59 -20.86
C ARG B 461 -12.97 4.48 -19.61
N ARG B 462 -13.81 5.50 -19.59
CA ARG B 462 -13.86 6.48 -18.50
C ARG B 462 -14.72 6.03 -17.31
N GLU B 463 -15.77 5.26 -17.59
CA GLU B 463 -16.85 5.04 -16.60
C GLU B 463 -17.26 3.59 -16.22
N PHE B 464 -16.81 2.59 -16.99
CA PHE B 464 -17.05 1.19 -16.65
C PHE B 464 -15.94 0.86 -15.63
N HIS B 465 -16.29 0.89 -14.35
CA HIS B 465 -15.32 0.93 -13.25
C HIS B 465 -14.81 -0.46 -12.86
N VAL B 466 -13.93 -0.98 -13.70
CA VAL B 466 -13.29 -2.28 -13.48
C VAL B 466 -11.81 -2.10 -13.74
N GLY B 467 -10.97 -2.89 -13.08
CA GLY B 467 -9.52 -2.74 -13.24
C GLY B 467 -8.98 -3.19 -14.58
N ASN B 468 -9.68 -4.12 -15.22
CA ASN B 468 -9.26 -4.68 -16.51
C ASN B 468 -10.45 -4.71 -17.45
N LEU B 469 -10.42 -3.82 -18.42
CA LEU B 469 -11.54 -3.61 -19.32
C LEU B 469 -11.11 -3.97 -20.75
N TYR B 470 -11.98 -4.66 -21.50
CA TYR B 470 -11.62 -5.12 -22.84
C TYR B 470 -12.71 -4.79 -23.83
N PHE B 471 -12.31 -4.28 -24.99
CA PHE B 471 -13.24 -3.92 -26.04
C PHE B 471 -13.14 -4.86 -27.24
N ASN B 472 -14.29 -5.46 -27.60
CA ASN B 472 -14.42 -6.31 -28.79
C ASN B 472 -13.51 -7.55 -28.78
N ARG B 473 -13.35 -8.12 -27.60
CA ARG B 473 -12.61 -9.36 -27.39
C ARG B 473 -12.98 -9.92 -26.02
N LYS B 474 -12.54 -11.15 -25.76
CA LYS B 474 -12.75 -11.82 -24.48
C LYS B 474 -12.20 -11.04 -23.29
N ILE B 475 -12.81 -11.22 -22.12
CA ILE B 475 -12.40 -10.48 -20.91
C ILE B 475 -11.52 -11.28 -19.95
N THR B 476 -11.16 -12.48 -20.39
CA THR B 476 -10.28 -13.36 -19.61
C THR B 476 -8.91 -13.41 -20.27
N GLY B 477 -7.96 -14.02 -19.59
CA GLY B 477 -6.64 -14.29 -20.17
C GLY B 477 -5.72 -13.08 -20.26
N ALA B 478 -5.81 -12.18 -19.28
CA ALA B 478 -4.89 -11.02 -19.19
C ALA B 478 -3.46 -11.51 -19.28
N LEU B 479 -2.68 -10.89 -20.16
CA LEU B 479 -1.31 -11.32 -20.39
C LEU B 479 -0.36 -10.49 -19.53
N VAL B 480 0.57 -11.16 -18.88
CA VAL B 480 1.63 -10.52 -18.13
C VAL B 480 2.31 -9.44 -18.98
N GLY B 481 2.50 -8.26 -18.38
CA GLY B 481 3.23 -7.17 -19.07
C GLY B 481 2.30 -6.32 -19.95
N VAL B 482 1.40 -7.00 -20.64
CA VAL B 482 0.50 -6.34 -21.59
C VAL B 482 -0.68 -5.67 -20.85
N GLN B 483 -1.29 -6.42 -19.93
CA GLN B 483 -2.49 -6.00 -19.22
C GLN B 483 -2.28 -6.18 -17.72
N PRO B 484 -1.71 -5.17 -17.06
CA PRO B 484 -1.59 -5.20 -15.59
C PRO B 484 -2.90 -5.70 -14.98
N PHE B 485 -2.83 -6.69 -14.10
CA PHE B 485 -4.07 -7.39 -13.72
C PHE B 485 -4.45 -7.15 -12.25
N GLY B 486 -5.66 -6.67 -12.04
CA GLY B 486 -6.12 -6.43 -10.67
C GLY B 486 -7.25 -5.45 -10.67
N GLY B 487 -8.11 -5.56 -9.65
CA GLY B 487 -9.39 -4.85 -9.67
C GLY B 487 -9.58 -3.70 -8.70
N PHE B 488 -10.83 -3.24 -8.67
CA PHE B 488 -11.27 -2.16 -7.81
C PHE B 488 -12.29 -2.72 -6.85
N LYS B 489 -12.62 -1.92 -5.84
CA LYS B 489 -13.72 -2.23 -4.92
C LYS B 489 -13.47 -3.56 -4.22
N LEU B 490 -14.49 -4.40 -4.08
CA LEU B 490 -14.25 -5.64 -3.35
C LEU B 490 -13.62 -6.76 -4.17
N SER B 491 -13.12 -6.41 -5.37
CA SER B 491 -12.23 -7.30 -6.13
C SER B 491 -10.78 -7.26 -5.62
N GLY B 492 -10.52 -6.40 -4.63
CA GLY B 492 -9.27 -6.46 -3.87
C GLY B 492 -8.50 -5.15 -3.75
N THR B 493 -7.19 -5.26 -3.55
CA THR B 493 -6.36 -4.09 -3.21
C THR B 493 -5.69 -3.43 -4.42
N ASN B 494 -6.01 -3.92 -5.63
CA ASN B 494 -5.46 -3.33 -6.87
C ASN B 494 -3.94 -3.53 -6.97
N ALA B 495 -3.46 -4.65 -6.41
CA ALA B 495 -2.08 -5.03 -6.63
C ALA B 495 -1.99 -5.52 -8.07
N LYS B 496 -1.37 -4.73 -8.94
CA LYS B 496 -1.40 -5.06 -10.37
C LYS B 496 -0.30 -6.05 -10.74
N THR B 497 -0.70 -7.30 -10.98
CA THR B 497 0.28 -8.36 -11.29
C THR B 497 0.74 -8.18 -12.73
N GLY B 498 1.97 -8.63 -13.02
CA GLY B 498 2.54 -8.51 -14.35
C GLY B 498 2.74 -7.06 -14.77
N ALA B 499 3.07 -6.21 -13.81
CA ALA B 499 3.30 -4.77 -14.03
C ALA B 499 4.48 -4.34 -13.15
N LEU B 500 5.17 -3.28 -13.60
CA LEU B 500 6.31 -2.78 -12.85
C LEU B 500 5.95 -2.40 -11.43
N ASP B 501 4.75 -1.85 -11.25
CA ASP B 501 4.25 -1.42 -9.95
C ASP B 501 4.15 -2.56 -8.93
N TYR B 502 3.99 -3.80 -9.40
CA TYR B 502 3.81 -4.92 -8.46
C TYR B 502 4.96 -5.04 -7.47
N LEU B 503 6.20 -4.87 -7.93
CA LEU B 503 7.35 -5.16 -7.07
C LEU B 503 7.53 -4.11 -5.97
N ARG B 504 7.06 -2.89 -6.26
CA ARG B 504 7.11 -1.80 -5.29
C ARG B 504 6.38 -2.13 -4.00
N LEU B 505 5.33 -2.95 -4.12
CA LEU B 505 4.52 -3.39 -3.00
C LEU B 505 5.34 -4.17 -1.97
N PHE B 506 6.45 -4.75 -2.42
CA PHE B 506 7.29 -5.60 -1.55
C PHE B 506 8.63 -4.97 -1.20
N LEU B 507 8.65 -3.64 -1.27
CA LEU B 507 9.83 -2.84 -0.96
C LEU B 507 9.46 -1.69 -0.01
N GLU B 508 10.44 -1.27 0.78
CA GLU B 508 10.34 -0.01 1.54
C GLU B 508 11.56 0.85 1.19
N MET B 509 11.51 2.14 1.49
CA MET B 509 12.56 3.05 1.03
C MET B 509 13.33 3.61 2.20
N LYS B 510 14.65 3.73 2.04
CA LYS B 510 15.53 4.37 3.02
C LYS B 510 16.16 5.59 2.32
N ALA B 511 16.32 6.68 3.07
CA ALA B 511 16.99 7.89 2.59
C ALA B 511 18.17 8.17 3.51
N VAL B 512 19.36 8.25 2.91
CA VAL B 512 20.60 8.40 3.69
C VAL B 512 21.37 9.62 3.18
N ALA B 513 21.60 10.57 4.07
CA ALA B 513 22.31 11.82 3.73
C ALA B 513 23.69 11.84 4.41
N GLU B 514 24.72 12.19 3.65
CA GLU B 514 26.01 12.47 4.29
C GLU B 514 26.43 13.91 4.03
N ARG B 515 26.65 14.67 5.11
CA ARG B 515 27.16 16.02 5.01
C ARG B 515 28.68 15.95 5.08
N PHE B 516 29.35 16.36 4.01
CA PHE B 516 30.81 16.24 3.93
C PHE B 516 31.57 17.30 4.71
#